data_7LKI
#
_entry.id   7LKI
#
_cell.length_a   201.683
_cell.length_b   42.793
_cell.length_c   110.824
_cell.angle_alpha   90.000
_cell.angle_beta   109.533
_cell.angle_gamma   90.000
#
_symmetry.space_group_name_H-M   'C 1 2 1'
#
loop_
_entity.id
_entity.type
_entity.pdbx_description
1 polymer 'antibody 1H8 heavy chain'
2 polymer 'antibody 1H8 light chain'
3 polymer 'Epitope III peptide GLY-ALA-PRO-THR-TYR-SER-TRP-GLY'
4 water water
#
loop_
_entity_poly.entity_id
_entity_poly.type
_entity_poly.pdbx_seq_one_letter_code
_entity_poly.pdbx_strand_id
1 'polypeptide(L)'
;EVKLEESGGGLVQPGGSMKLSCAASGFTFSDAYMDWVRQSPEKGLEWVAEIRNKANNHATFYAESVKGRFTISRDDSKSS
VYLQMNSLRAEDTGIYYCTLQYGTSSWGQGTTLTVSSAKTTPPSVYPLAPGSAAQTNSMVTLGCLVKGYFPEPVTVTWNS
GSLSSGVHTFPAVLQSDLYTLSSSVTVPSSTWPSETVTCNVAHPASSTKVDKKIVPR
;
AAA,DDD
2 'polypeptide(L)'
;DVVMTQTPLTLSVTIGQPASISCKSSQSLLYSNGKTFLNWLFQRPGQSPKRLIYLVSKLDSGVPDRFTGSGSGTAFTLKI
SRVEAEDLGVYYCVQGTHFPLTFGAGTKLELKRADAAPTVSIFPPSSEQLTSGGASVVCFLNNFYPKDINVKWKIDGSER
QNGVLNSWTDQDSKDSTYSMSSTLTLTKDEYERHNSYTCEATHKTSTSPIVKSFNRNE
;
BBB,EEE
3 'polypeptide(L)' DRSGAPTYSWGANDK CCC,FFF
#
# COMPACT_ATOMS: atom_id res chain seq x y z
N GLU A 1 42.23 4.56 7.91
CA GLU A 1 41.34 4.24 6.76
C GLU A 1 39.90 4.12 7.28
N VAL A 2 38.96 4.87 6.69
CA VAL A 2 37.50 4.81 7.03
C VAL A 2 36.94 3.44 6.60
N LYS A 3 36.33 2.72 7.55
CA LYS A 3 35.69 1.40 7.32
C LYS A 3 34.26 1.44 7.89
N LEU A 4 33.29 1.11 7.05
CA LEU A 4 31.86 0.89 7.41
C LEU A 4 31.50 -0.54 7.01
N GLU A 5 30.95 -1.33 7.94
CA GLU A 5 30.55 -2.74 7.68
C GLU A 5 29.11 -2.96 8.18
N GLU A 6 28.19 -3.19 7.25
CA GLU A 6 26.75 -3.40 7.53
C GLU A 6 26.43 -4.88 7.71
N SER A 7 25.41 -5.17 8.51
CA SER A 7 24.80 -6.51 8.66
C SER A 7 23.29 -6.36 8.93
N GLY A 8 22.57 -7.49 8.94
CA GLY A 8 21.19 -7.58 9.38
C GLY A 8 20.23 -7.76 8.21
N GLY A 9 20.74 -7.80 6.98
CA GLY A 9 19.93 -8.07 5.79
C GLY A 9 19.38 -9.48 5.82
N GLY A 10 18.52 -9.81 4.87
CA GLY A 10 17.97 -11.17 4.68
C GLY A 10 16.63 -11.15 4.00
N LEU A 11 15.95 -12.29 4.00
CA LEU A 11 14.58 -12.48 3.48
C LEU A 11 13.57 -12.21 4.59
N VAL A 12 12.54 -11.40 4.35
CA VAL A 12 11.44 -11.19 5.34
C VAL A 12 10.13 -11.07 4.57
N GLN A 13 9.03 -11.51 5.18
CA GLN A 13 7.66 -11.39 4.62
C GLN A 13 7.19 -9.95 4.74
N PRO A 14 6.34 -9.46 3.81
CA PRO A 14 5.68 -8.16 3.94
C PRO A 14 4.95 -8.09 5.28
N GLY A 15 5.04 -6.94 5.97
CA GLY A 15 4.53 -6.76 7.33
C GLY A 15 5.61 -7.02 8.36
N GLY A 16 6.70 -7.68 7.97
CA GLY A 16 7.77 -8.10 8.90
C GLY A 16 8.71 -6.98 9.29
N SER A 17 9.66 -7.29 10.18
CA SER A 17 10.62 -6.35 10.81
C SER A 17 12.05 -6.83 10.56
N MET A 18 13.00 -5.90 10.38
CA MET A 18 14.45 -6.22 10.28
C MET A 18 15.26 -5.06 10.86
N LYS A 19 16.39 -5.34 11.51
CA LYS A 19 17.28 -4.28 12.05
C LYS A 19 18.62 -4.38 11.32
N LEU A 20 19.05 -3.30 10.65
CA LEU A 20 20.40 -3.22 10.06
C LEU A 20 21.31 -2.54 11.08
N SER A 21 22.56 -3.00 11.16
CA SER A 21 23.64 -2.50 12.04
C SER A 21 24.83 -2.14 11.15
N CYS A 22 25.56 -1.10 11.54
CA CYS A 22 26.78 -0.62 10.85
C CYS A 22 27.81 -0.29 11.91
N ALA A 23 28.91 -1.04 11.93
CA ALA A 23 30.13 -0.78 12.73
C ALA A 23 31.02 0.17 11.92
N ALA A 24 31.31 1.35 12.44
CA ALA A 24 32.20 2.33 11.78
C ALA A 24 33.57 2.34 12.47
N SER A 25 34.63 2.66 11.73
CA SER A 25 35.99 2.97 12.27
C SER A 25 36.73 3.90 11.31
N GLY A 26 37.76 4.61 11.80
CA GLY A 26 38.67 5.44 10.98
C GLY A 26 38.25 6.90 10.90
N PHE A 27 37.33 7.34 11.79
CA PHE A 27 36.94 8.77 11.93
C PHE A 27 36.33 8.97 13.32
N THR A 28 36.27 10.24 13.77
CA THR A 28 35.69 10.60 15.09
C THR A 28 34.18 10.48 14.94
N PHE A 29 33.66 9.34 15.37
CA PHE A 29 32.27 8.90 15.09
C PHE A 29 31.28 9.88 15.74
N SER A 30 31.51 10.24 17.01
CA SER A 30 30.67 11.17 17.81
C SER A 30 30.24 12.40 17.00
N ASP A 31 31.11 12.91 16.12
CA ASP A 31 31.03 14.25 15.52
C ASP A 31 30.37 14.18 14.14
N ALA A 32 30.21 12.98 13.58
CA ALA A 32 29.70 12.78 12.21
C ALA A 32 28.17 12.59 12.24
N TYR A 33 27.48 13.15 11.24
CA TYR A 33 26.16 12.64 10.78
C TYR A 33 26.44 11.30 10.12
N MET A 34 25.50 10.37 10.22
CA MET A 34 25.54 9.08 9.48
C MET A 34 24.26 9.03 8.63
N ASP A 35 24.35 8.46 7.43
CA ASP A 35 23.25 8.39 6.44
C ASP A 35 23.13 6.96 5.89
N TRP A 36 21.90 6.44 5.83
CA TRP A 36 21.57 5.19 5.10
C TRP A 36 21.06 5.56 3.71
N VAL A 37 21.54 4.85 2.70
CA VAL A 37 21.11 4.96 1.28
C VAL A 37 20.77 3.54 0.84
N ARG A 38 19.75 3.36 0.02
CA ARG A 38 19.40 2.02 -0.52
C ARG A 38 19.44 2.11 -2.05
N GLN A 39 19.51 0.95 -2.71
CA GLN A 39 19.62 0.79 -4.17
C GLN A 39 18.74 -0.38 -4.61
N SER A 40 17.88 -0.13 -5.61
CA SER A 40 17.02 -1.12 -6.30
C SER A 40 17.07 -0.86 -7.80
N PRO A 41 16.94 -1.87 -8.68
CA PRO A 41 16.81 -1.62 -10.13
C PRO A 41 15.77 -0.56 -10.52
N GLU A 42 14.59 -0.59 -9.90
CA GLU A 42 13.39 0.18 -10.35
C GLU A 42 13.47 1.62 -9.82
N LYS A 43 14.07 1.90 -8.65
CA LYS A 43 14.12 3.28 -8.07
C LYS A 43 15.53 3.84 -8.08
N GLY A 44 16.55 3.06 -8.47
CA GLY A 44 17.96 3.49 -8.42
C GLY A 44 18.44 3.71 -7.00
N LEU A 45 19.31 4.71 -6.79
CA LEU A 45 19.86 5.11 -5.46
C LEU A 45 18.87 6.05 -4.76
N GLU A 46 18.55 5.77 -3.49
CA GLU A 46 17.58 6.57 -2.70
C GLU A 46 18.13 6.81 -1.30
N TRP A 47 18.27 8.07 -0.89
CA TRP A 47 18.51 8.43 0.52
C TRP A 47 17.34 7.90 1.35
N VAL A 48 17.63 7.28 2.50
CA VAL A 48 16.63 6.62 3.39
C VAL A 48 16.49 7.40 4.70
N ALA A 49 17.59 7.67 5.39
CA ALA A 49 17.59 8.23 6.76
C ALA A 49 18.94 8.86 7.14
N GLU A 50 18.87 9.86 8.03
CA GLU A 50 20.03 10.58 8.61
C GLU A 50 19.89 10.70 10.13
N ILE A 51 20.98 10.46 10.86
CA ILE A 51 21.08 10.77 12.32
C ILE A 51 22.27 11.72 12.54
N ARG A 52 22.01 12.82 13.22
CA ARG A 52 23.01 13.91 13.35
C ARG A 52 23.85 13.65 14.61
N ASN A 53 24.87 14.50 14.82
CA ASN A 53 25.92 14.33 15.85
C ASN A 53 25.42 14.84 17.20
N LYS A 54 26.20 14.58 18.25
CA LYS A 54 25.82 14.89 19.65
C LYS A 54 25.40 16.36 19.74
N ALA A 55 26.07 17.24 18.99
CA ALA A 55 25.82 18.70 18.98
C ALA A 55 24.39 19.00 18.56
N ASN A 56 23.85 18.27 17.58
CA ASN A 56 22.46 18.44 17.06
C ASN A 56 21.50 17.49 17.79
N ASN A 57 21.86 17.03 18.99
CA ASN A 57 21.04 16.14 19.87
C ASN A 57 20.56 14.91 19.12
N HIS A 58 21.41 14.33 18.26
CA HIS A 58 21.13 13.10 17.48
C HIS A 58 19.85 13.24 16.64
N ALA A 59 19.62 14.40 16.01
CA ALA A 59 18.39 14.70 15.23
C ALA A 59 18.25 13.72 14.06
N THR A 60 17.08 13.08 13.94
CA THR A 60 16.81 12.01 12.95
C THR A 60 15.92 12.55 11.84
N PHE A 61 16.15 12.12 10.59
CA PHE A 61 15.40 12.53 9.36
C PHE A 61 15.21 11.31 8.47
N TYR A 62 14.06 11.21 7.80
CA TYR A 62 13.59 10.03 7.04
C TYR A 62 13.09 10.47 5.65
N ALA A 63 13.33 9.66 4.63
CA ALA A 63 12.64 9.77 3.31
C ALA A 63 11.14 9.62 3.55
N GLU A 64 10.31 10.29 2.74
CA GLU A 64 8.83 10.24 2.88
C GLU A 64 8.34 8.80 2.80
N SER A 65 8.89 7.98 1.90
CA SER A 65 8.44 6.58 1.63
C SER A 65 8.58 5.70 2.87
N VAL A 66 9.37 6.14 3.87
CA VAL A 66 9.89 5.32 4.99
C VAL A 66 9.42 5.90 6.35
N LYS A 67 8.99 7.17 6.38
CA LYS A 67 8.54 7.86 7.62
C LYS A 67 7.49 7.02 8.37
N GLY A 68 7.67 6.87 9.68
CA GLY A 68 6.73 6.15 10.56
C GLY A 68 6.96 4.64 10.53
N ARG A 69 7.83 4.12 9.66
CA ARG A 69 8.07 2.66 9.54
C ARG A 69 9.53 2.36 9.93
N PHE A 70 10.45 3.29 9.67
CA PHE A 70 11.89 3.11 9.96
C PHE A 70 12.32 4.02 11.11
N THR A 71 13.27 3.55 11.90
CA THR A 71 13.91 4.32 13.01
C THR A 71 15.42 4.19 12.91
N ILE A 72 16.09 5.33 12.73
CA ILE A 72 17.58 5.38 12.69
C ILE A 72 18.05 5.73 14.10
N SER A 73 19.05 5.02 14.59
CA SER A 73 19.63 5.25 15.93
C SER A 73 21.14 5.06 15.87
N ARG A 74 21.80 5.35 16.97
CA ARG A 74 23.28 5.37 17.02
C ARG A 74 23.74 5.04 18.44
N ASP A 75 24.84 4.29 18.56
CA ASP A 75 25.56 4.04 19.83
C ASP A 75 26.95 4.66 19.71
N ASP A 76 27.13 5.89 20.23
CA ASP A 76 28.38 6.67 20.08
C ASP A 76 29.52 5.88 20.71
N SER A 77 29.26 5.13 21.77
CA SER A 77 30.30 4.39 22.55
C SER A 77 30.81 3.19 21.73
N LYS A 78 29.98 2.60 20.85
CA LYS A 78 30.35 1.40 20.04
C LYS A 78 30.68 1.77 18.60
N SER A 79 30.70 3.06 18.24
CA SER A 79 30.83 3.58 16.85
C SER A 79 29.88 2.81 15.92
N SER A 80 28.62 2.65 16.32
CA SER A 80 27.61 1.88 15.56
C SER A 80 26.37 2.71 15.25
N VAL A 81 25.84 2.57 14.03
CA VAL A 81 24.56 3.21 13.59
C VAL A 81 23.61 2.08 13.15
N TYR A 82 22.31 2.24 13.44
CA TYR A 82 21.29 1.19 13.26
C TYR A 82 20.11 1.74 12.47
N LEU A 83 19.38 0.85 11.82
CA LEU A 83 18.13 1.17 11.09
C LEU A 83 17.13 0.07 11.39
N GLN A 84 16.20 0.36 12.30
CA GLN A 84 15.07 -0.55 12.63
C GLN A 84 13.98 -0.31 11.59
N MET A 85 13.59 -1.35 10.85
CA MET A 85 12.60 -1.24 9.74
C MET A 85 11.40 -2.12 10.07
N ASN A 86 10.23 -1.49 10.28
CA ASN A 86 8.95 -2.18 10.60
C ASN A 86 8.04 -2.12 9.36
N SER A 87 6.99 -2.94 9.38
CA SER A 87 5.88 -2.93 8.38
C SER A 87 6.49 -2.92 6.98
N LEU A 88 7.42 -3.85 6.71
CA LEU A 88 8.21 -3.85 5.46
C LEU A 88 7.32 -4.22 4.26
N ARG A 89 7.61 -3.64 3.12
CA ARG A 89 6.85 -3.82 1.87
C ARG A 89 7.81 -4.28 0.78
N ALA A 90 7.28 -4.88 -0.29
CA ALA A 90 8.02 -5.32 -1.49
C ALA A 90 8.96 -4.23 -2.00
N GLU A 91 8.54 -2.96 -1.97
CA GLU A 91 9.28 -1.80 -2.53
C GLU A 91 10.47 -1.43 -1.66
N ASP A 92 10.60 -1.98 -0.45
CA ASP A 92 11.76 -1.75 0.45
C ASP A 92 12.89 -2.71 0.07
N THR A 93 12.61 -3.69 -0.79
CA THR A 93 13.61 -4.64 -1.34
C THR A 93 14.78 -3.85 -1.94
N GLY A 94 16.02 -4.22 -1.59
CA GLY A 94 17.21 -3.63 -2.21
C GLY A 94 18.45 -3.79 -1.37
N ILE A 95 19.54 -3.17 -1.83
CA ILE A 95 20.84 -3.16 -1.11
C ILE A 95 20.87 -1.91 -0.24
N TYR A 96 21.09 -2.07 1.07
CA TYR A 96 21.17 -0.95 2.04
C TYR A 96 22.64 -0.69 2.38
N TYR A 97 23.07 0.55 2.18
CA TYR A 97 24.44 1.04 2.45
C TYR A 97 24.41 1.99 3.65
N CYS A 98 25.26 1.71 4.62
CA CYS A 98 25.70 2.64 5.67
C CYS A 98 26.72 3.60 5.03
N THR A 99 26.54 4.91 5.17
CA THR A 99 27.45 5.90 4.52
C THR A 99 27.83 7.01 5.49
N LEU A 100 29.07 7.47 5.34
CA LEU A 100 29.57 8.75 5.88
C LEU A 100 29.64 9.74 4.72
N GLN A 101 28.75 10.73 4.71
CA GLN A 101 28.72 11.77 3.64
C GLN A 101 28.84 13.14 4.31
N TYR A 102 29.46 13.18 5.49
CA TYR A 102 29.63 14.38 6.36
C TYR A 102 31.09 14.84 6.28
N GLY A 103 31.34 15.90 5.50
CA GLY A 103 32.66 16.51 5.30
C GLY A 103 33.61 15.61 4.53
N THR A 104 33.09 14.50 3.98
CA THR A 104 33.83 13.44 3.23
C THR A 104 32.78 12.50 2.62
N SER A 105 33.20 11.43 1.95
CA SER A 105 32.29 10.38 1.39
C SER A 105 32.93 9.01 1.60
N SER A 106 32.20 8.09 2.22
CA SER A 106 32.59 6.68 2.42
C SER A 106 31.34 5.79 2.50
N TRP A 107 31.29 4.75 1.68
CA TRP A 107 30.14 3.82 1.54
C TRP A 107 30.56 2.43 2.02
N GLY A 108 29.71 1.75 2.79
CA GLY A 108 29.92 0.34 3.16
C GLY A 108 29.74 -0.58 1.96
N GLN A 109 29.94 -1.89 2.15
CA GLN A 109 29.79 -3.00 1.17
C GLN A 109 28.29 -3.21 0.92
N GLY A 110 27.45 -2.84 1.87
CA GLY A 110 26.00 -2.97 1.76
C GLY A 110 25.51 -4.31 2.30
N THR A 111 24.23 -4.38 2.60
CA THR A 111 23.50 -5.60 3.05
C THR A 111 22.18 -5.64 2.29
N THR A 112 21.82 -6.83 1.78
CA THR A 112 20.67 -7.03 0.88
C THR A 112 19.45 -7.38 1.71
N LEU A 113 18.34 -6.70 1.44
CA LEU A 113 17.02 -6.96 2.05
C LEU A 113 16.08 -7.39 0.93
N THR A 114 15.39 -8.52 1.12
CA THR A 114 14.38 -9.08 0.17
C THR A 114 13.06 -9.22 0.91
N VAL A 115 12.02 -8.49 0.47
CA VAL A 115 10.69 -8.53 1.14
C VAL A 115 9.75 -9.32 0.23
N SER A 116 9.43 -10.55 0.59
CA SER A 116 8.61 -11.44 -0.28
C SER A 116 7.85 -12.44 0.58
N SER A 117 6.68 -12.83 0.06
CA SER A 117 5.74 -13.84 0.60
C SER A 117 6.23 -15.25 0.25
N ALA A 118 7.10 -15.39 -0.77
CA ALA A 118 7.42 -16.66 -1.47
C ALA A 118 8.03 -17.71 -0.52
N LYS A 119 7.64 -18.98 -0.70
CA LYS A 119 8.25 -20.21 -0.08
C LYS A 119 9.19 -20.89 -1.09
N THR A 120 10.16 -21.68 -0.61
CA THR A 120 11.07 -22.48 -1.47
C THR A 120 10.22 -23.29 -2.45
N THR A 121 10.52 -23.17 -3.73
CA THR A 121 9.75 -23.77 -4.85
C THR A 121 10.77 -24.15 -5.92
N PRO A 122 10.87 -25.44 -6.34
CA PRO A 122 11.81 -25.83 -7.38
C PRO A 122 11.28 -25.38 -8.75
N PRO A 123 12.16 -25.25 -9.76
CA PRO A 123 11.74 -24.84 -11.08
C PRO A 123 11.09 -25.96 -11.89
N SER A 124 10.23 -25.57 -12.81
CA SER A 124 9.78 -26.40 -13.96
C SER A 124 10.70 -26.06 -15.13
N VAL A 125 11.35 -27.05 -15.72
CA VAL A 125 12.36 -26.82 -16.79
C VAL A 125 11.75 -27.32 -18.09
N TYR A 126 11.63 -26.41 -19.06
CA TYR A 126 10.93 -26.70 -20.33
C TYR A 126 11.88 -26.52 -21.49
N PRO A 127 11.87 -27.42 -22.50
CA PRO A 127 12.78 -27.30 -23.63
C PRO A 127 12.21 -26.29 -24.63
N LEU A 128 13.13 -25.54 -25.26
CA LEU A 128 12.85 -24.61 -26.35
C LEU A 128 13.55 -25.15 -27.60
N ALA A 129 12.79 -25.76 -28.50
CA ALA A 129 13.31 -26.33 -29.76
C ALA A 129 12.58 -25.65 -30.91
N PRO A 130 13.26 -25.42 -32.07
CA PRO A 130 12.67 -24.72 -33.21
C PRO A 130 11.23 -25.14 -33.56
N ASN A 137 19.72 -21.97 -41.23
CA ASN A 137 21.12 -21.50 -41.47
C ASN A 137 22.12 -22.52 -40.89
N SER A 138 23.40 -22.14 -40.87
CA SER A 138 24.61 -22.92 -40.44
C SER A 138 24.72 -23.02 -38.92
N MET A 139 24.02 -22.15 -38.19
CA MET A 139 23.96 -22.14 -36.70
C MET A 139 22.50 -22.42 -36.30
N VAL A 140 22.28 -23.14 -35.22
CA VAL A 140 20.92 -23.36 -34.67
C VAL A 140 20.91 -22.89 -33.21
N THR A 141 19.84 -22.23 -32.80
CA THR A 141 19.67 -21.74 -31.41
C THR A 141 18.65 -22.64 -30.71
N LEU A 142 19.03 -23.13 -29.53
CA LEU A 142 18.16 -23.90 -28.63
C LEU A 142 18.04 -23.15 -27.30
N GLY A 143 17.09 -23.52 -26.47
CA GLY A 143 16.92 -22.87 -25.16
C GLY A 143 16.35 -23.81 -24.13
N CYS A 144 16.40 -23.36 -22.87
CA CYS A 144 15.64 -23.93 -21.73
C CYS A 144 14.91 -22.81 -21.00
N LEU A 145 13.60 -23.00 -20.76
CA LEU A 145 12.76 -22.13 -19.93
C LEU A 145 12.77 -22.66 -18.49
N VAL A 146 13.25 -21.87 -17.54
CA VAL A 146 13.33 -22.31 -16.11
C VAL A 146 12.33 -21.48 -15.33
N LYS A 147 11.17 -22.07 -15.02
CA LYS A 147 9.94 -21.32 -14.65
C LYS A 147 9.46 -21.65 -13.22
N GLY A 148 9.15 -20.61 -12.47
CA GLY A 148 8.36 -20.68 -11.23
C GLY A 148 9.15 -21.19 -10.04
N TYR A 149 10.38 -20.71 -9.81
CA TYR A 149 11.23 -21.15 -8.67
C TYR A 149 11.42 -20.00 -7.67
N PHE A 150 11.85 -20.35 -6.46
CA PHE A 150 12.20 -19.39 -5.40
C PHE A 150 13.23 -20.09 -4.50
N PRO A 151 13.95 -19.32 -3.65
CA PRO A 151 14.68 -18.11 -4.07
C PRO A 151 15.65 -18.24 -5.25
N GLU A 152 16.33 -17.14 -5.58
CA GLU A 152 17.52 -17.15 -6.47
C GLU A 152 18.57 -18.01 -5.78
N PRO A 153 19.70 -18.28 -6.43
CA PRO A 153 19.77 -18.52 -7.86
C PRO A 153 19.41 -19.91 -8.39
N VAL A 154 19.30 -20.03 -9.71
CA VAL A 154 19.46 -21.33 -10.42
C VAL A 154 20.77 -21.25 -11.19
N THR A 155 21.42 -22.36 -11.47
CA THR A 155 22.58 -22.44 -12.40
C THR A 155 22.09 -23.22 -13.63
N VAL A 156 22.45 -22.78 -14.84
CA VAL A 156 22.15 -23.51 -16.11
C VAL A 156 23.48 -23.74 -16.85
N THR A 157 23.77 -24.98 -17.18
CA THR A 157 24.89 -25.33 -18.06
C THR A 157 24.32 -26.09 -19.24
N TRP A 158 25.15 -26.26 -20.27
CA TRP A 158 24.79 -26.98 -21.52
C TRP A 158 25.82 -28.08 -21.78
N ASN A 159 25.34 -29.30 -22.01
CA ASN A 159 26.13 -30.57 -22.07
C ASN A 159 27.19 -30.56 -20.96
N SER A 160 26.74 -30.31 -19.73
CA SER A 160 27.50 -30.23 -18.45
C SER A 160 28.68 -29.24 -18.55
N GLY A 161 28.50 -28.18 -19.34
CA GLY A 161 29.48 -27.09 -19.47
C GLY A 161 30.43 -27.25 -20.67
N SER A 162 30.29 -28.30 -21.48
CA SER A 162 31.11 -28.49 -22.71
C SER A 162 30.74 -27.43 -23.74
N LEU A 163 29.46 -27.04 -23.80
CA LEU A 163 29.00 -25.85 -24.55
C LEU A 163 28.90 -24.70 -23.54
N SER A 164 29.90 -23.83 -23.52
CA SER A 164 29.91 -22.60 -22.67
C SER A 164 30.01 -21.35 -23.56
N SER A 165 30.55 -21.50 -24.78
CA SER A 165 30.90 -20.42 -25.74
C SER A 165 29.67 -19.68 -26.29
N GLY A 166 28.65 -20.41 -26.75
CA GLY A 166 27.49 -19.78 -27.42
C GLY A 166 26.29 -19.66 -26.49
N VAL A 167 26.52 -19.50 -25.18
CA VAL A 167 25.45 -19.54 -24.12
C VAL A 167 25.10 -18.13 -23.66
N HIS A 168 23.79 -17.85 -23.51
CA HIS A 168 23.27 -16.65 -22.83
C HIS A 168 22.23 -17.11 -21.81
N THR A 169 22.50 -16.94 -20.51
CA THR A 169 21.46 -17.11 -19.46
C THR A 169 21.03 -15.71 -19.06
N PHE A 170 19.74 -15.40 -19.21
CA PHE A 170 19.17 -14.05 -18.99
C PHE A 170 18.83 -13.87 -17.53
N PRO A 171 18.88 -12.64 -16.98
CA PRO A 171 18.51 -12.39 -15.59
C PRO A 171 17.07 -12.86 -15.36
N ALA A 172 16.79 -13.35 -14.15
CA ALA A 172 15.45 -13.83 -13.78
C ALA A 172 14.49 -12.64 -13.60
N VAL A 173 13.22 -12.84 -13.90
CA VAL A 173 12.13 -11.87 -13.65
C VAL A 173 11.12 -12.51 -12.70
N LEU A 174 10.36 -11.69 -11.99
CA LEU A 174 9.31 -12.16 -11.05
C LEU A 174 7.92 -12.05 -11.70
N GLN A 175 7.15 -13.11 -11.55
CA GLN A 175 5.67 -13.11 -11.72
C GLN A 175 5.09 -13.83 -10.49
N SER A 176 4.24 -13.14 -9.74
CA SER A 176 3.47 -13.70 -8.60
C SER A 176 4.45 -14.33 -7.60
N ASP A 177 5.52 -13.61 -7.30
CA ASP A 177 6.52 -13.94 -6.24
C ASP A 177 7.54 -15.00 -6.71
N LEU A 178 7.35 -15.62 -7.90
CA LEU A 178 8.23 -16.70 -8.41
C LEU A 178 9.10 -16.17 -9.55
N TYR A 179 10.36 -16.63 -9.60
CA TYR A 179 11.35 -16.29 -10.65
C TYR A 179 11.16 -17.20 -11.88
N THR A 180 11.37 -16.64 -13.07
CA THR A 180 11.52 -17.37 -14.35
C THR A 180 12.73 -16.80 -15.05
N LEU A 181 13.54 -17.65 -15.67
CA LEU A 181 14.52 -17.20 -16.67
C LEU A 181 14.57 -18.20 -17.83
N SER A 182 15.28 -17.83 -18.87
CA SER A 182 15.60 -18.73 -20.01
C SER A 182 17.10 -18.68 -20.23
N SER A 183 17.62 -19.72 -20.84
CA SER A 183 19.01 -19.84 -21.32
C SER A 183 18.98 -20.23 -22.80
N SER A 184 19.76 -19.53 -23.63
CA SER A 184 19.94 -19.86 -25.06
C SER A 184 21.32 -20.49 -25.26
N VAL A 185 21.43 -21.36 -26.24
CA VAL A 185 22.76 -21.86 -26.68
C VAL A 185 22.72 -21.90 -28.19
N THR A 186 23.81 -21.50 -28.84
CA THR A 186 23.98 -21.55 -30.32
C THR A 186 25.08 -22.57 -30.66
N VAL A 187 24.75 -23.51 -31.54
CA VAL A 187 25.62 -24.65 -31.95
C VAL A 187 25.60 -24.68 -33.48
N PRO A 188 26.65 -25.23 -34.13
CA PRO A 188 26.60 -25.53 -35.56
C PRO A 188 25.45 -26.51 -35.81
N SER A 189 24.77 -26.34 -36.93
CA SER A 189 23.61 -27.17 -37.37
C SER A 189 24.07 -28.60 -37.65
N SER A 190 25.38 -28.83 -37.79
CA SER A 190 26.00 -30.17 -37.97
C SER A 190 25.97 -30.96 -36.65
N THR A 191 25.87 -30.29 -35.51
CA THR A 191 25.94 -30.96 -34.17
C THR A 191 24.54 -31.27 -33.63
N TRP A 192 23.50 -30.55 -34.05
CA TRP A 192 22.13 -30.79 -33.52
C TRP A 192 21.06 -30.76 -34.60
N PRO A 193 20.49 -31.93 -34.97
CA PRO A 193 19.78 -32.78 -34.02
C PRO A 193 20.65 -34.04 -33.85
N SER A 194 21.70 -34.19 -34.67
CA SER A 194 22.51 -35.43 -34.84
C SER A 194 23.11 -35.87 -33.49
N GLU A 195 23.69 -34.92 -32.74
CA GLU A 195 24.24 -35.16 -31.37
C GLU A 195 23.30 -34.49 -30.36
N THR A 196 23.28 -34.98 -29.12
CA THR A 196 22.32 -34.49 -28.11
C THR A 196 22.82 -33.17 -27.48
N VAL A 197 21.87 -32.35 -27.09
CA VAL A 197 22.08 -31.05 -26.40
C VAL A 197 21.09 -31.07 -25.26
N THR A 198 21.61 -30.92 -24.05
CA THR A 198 20.89 -31.02 -22.76
C THR A 198 21.22 -29.74 -21.98
N CYS A 199 20.23 -29.09 -21.38
CA CYS A 199 20.50 -28.03 -20.39
C CYS A 199 20.48 -28.67 -19.00
N ASN A 200 21.45 -28.35 -18.16
CA ASN A 200 21.55 -28.89 -16.78
C ASN A 200 21.16 -27.76 -15.84
N VAL A 201 20.02 -27.90 -15.16
CA VAL A 201 19.45 -26.83 -14.33
C VAL A 201 19.59 -27.29 -12.88
N ALA A 202 20.30 -26.52 -12.06
CA ALA A 202 20.42 -26.75 -10.59
C ALA A 202 19.73 -25.61 -9.83
N HIS A 203 18.83 -25.93 -8.90
CA HIS A 203 18.24 -24.98 -7.93
C HIS A 203 18.69 -25.38 -6.53
N PRO A 204 19.83 -24.87 -6.02
CA PRO A 204 20.38 -25.34 -4.74
C PRO A 204 19.37 -25.33 -3.58
N ALA A 205 18.60 -24.26 -3.41
CA ALA A 205 17.66 -24.08 -2.28
C ALA A 205 16.60 -25.19 -2.24
N SER A 206 16.18 -25.74 -3.39
CA SER A 206 15.24 -26.90 -3.42
C SER A 206 16.00 -28.24 -3.60
N SER A 207 17.34 -28.24 -3.64
CA SER A 207 18.18 -29.45 -3.86
C SER A 207 17.72 -30.17 -5.14
N THR A 208 17.45 -29.38 -6.18
CA THR A 208 16.87 -29.78 -7.48
C THR A 208 17.94 -29.85 -8.58
N LYS A 209 18.02 -30.96 -9.32
CA LYS A 209 18.75 -31.03 -10.62
C LYS A 209 17.78 -31.54 -11.69
N VAL A 210 17.71 -30.86 -12.84
CA VAL A 210 16.99 -31.35 -14.05
C VAL A 210 17.97 -31.33 -15.22
N ASP A 211 18.02 -32.43 -16.00
CA ASP A 211 18.75 -32.50 -17.29
C ASP A 211 17.71 -32.61 -18.42
N LYS A 212 17.48 -31.53 -19.16
CA LYS A 212 16.45 -31.53 -20.24
C LYS A 212 17.15 -31.65 -21.57
N LYS A 213 17.04 -32.82 -22.20
CA LYS A 213 17.51 -33.06 -23.58
C LYS A 213 16.57 -32.30 -24.53
N ILE A 214 17.12 -31.56 -25.49
CA ILE A 214 16.30 -30.79 -26.47
C ILE A 214 16.04 -31.71 -27.67
N VAL A 215 14.78 -32.08 -27.89
CA VAL A 215 14.33 -33.02 -28.98
C VAL A 215 13.69 -32.20 -30.09
N PRO A 216 13.99 -32.46 -31.38
CA PRO A 216 13.44 -31.65 -32.47
C PRO A 216 11.90 -31.65 -32.52
N ASP B 1 12.22 15.51 -3.91
CA ASP B 1 12.15 17.00 -4.00
C ASP B 1 12.96 17.45 -5.24
N VAL B 2 14.26 17.71 -5.12
CA VAL B 2 15.10 18.15 -6.29
C VAL B 2 15.23 16.96 -7.24
N VAL B 3 14.81 17.12 -8.49
CA VAL B 3 14.91 16.04 -9.51
C VAL B 3 16.22 16.22 -10.28
N MET B 4 17.03 15.16 -10.34
CA MET B 4 18.33 15.14 -11.08
C MET B 4 18.16 14.32 -12.36
N THR B 5 18.36 14.96 -13.51
CA THR B 5 18.22 14.38 -14.86
C THR B 5 19.61 14.23 -15.49
N GLN B 6 20.01 12.98 -15.77
CA GLN B 6 21.30 12.67 -16.45
C GLN B 6 21.03 12.27 -17.90
N THR B 7 21.75 12.85 -18.84
CA THR B 7 21.75 12.48 -20.28
C THR B 7 23.14 11.94 -20.61
N PRO B 8 23.33 11.34 -21.80
CA PRO B 8 22.83 10.00 -22.10
C PRO B 8 22.64 9.05 -20.91
N LEU B 9 21.67 8.15 -21.06
CA LEU B 9 21.37 7.05 -20.10
C LEU B 9 22.46 5.99 -20.31
N THR B 10 22.88 5.82 -21.56
CA THR B 10 24.05 4.99 -21.95
C THR B 10 24.95 5.81 -22.88
N LEU B 11 26.25 5.85 -22.58
CA LEU B 11 27.28 6.39 -23.49
C LEU B 11 28.19 5.25 -23.93
N SER B 12 28.35 5.08 -25.25
CA SER B 12 29.29 4.13 -25.88
C SER B 12 30.63 4.84 -26.08
N VAL B 13 31.70 4.30 -25.51
CA VAL B 13 33.06 4.93 -25.47
C VAL B 13 34.09 3.98 -26.05
N THR B 14 35.12 4.52 -26.68
CA THR B 14 36.32 3.78 -27.13
C THR B 14 37.41 4.06 -26.10
N ILE B 15 38.08 3.03 -25.56
CA ILE B 15 39.25 3.18 -24.64
C ILE B 15 40.28 4.05 -25.37
N GLY B 16 40.78 5.11 -24.72
CA GLY B 16 41.70 6.09 -25.32
C GLY B 16 41.00 7.38 -25.76
N GLN B 17 39.67 7.35 -25.95
CA GLN B 17 38.89 8.53 -26.43
C GLN B 17 38.20 9.20 -25.25
N PRO B 18 37.88 10.51 -25.34
CA PRO B 18 37.20 11.21 -24.25
C PRO B 18 35.74 10.76 -24.07
N ALA B 19 35.17 11.09 -22.91
CA ALA B 19 33.74 10.91 -22.58
C ALA B 19 33.24 12.20 -21.91
N SER B 20 31.98 12.56 -22.17
CA SER B 20 31.28 13.69 -21.52
C SER B 20 29.85 13.25 -21.18
N ILE B 21 29.44 13.48 -19.94
CA ILE B 21 28.06 13.15 -19.46
C ILE B 21 27.50 14.38 -18.77
N SER B 22 26.18 14.57 -18.88
CA SER B 22 25.45 15.77 -18.42
C SER B 22 24.59 15.39 -17.23
N CYS B 23 24.43 16.33 -16.31
CA CYS B 23 23.51 16.30 -15.14
C CYS B 23 22.77 17.65 -15.08
N LYS B 24 21.46 17.61 -14.92
CA LYS B 24 20.61 18.82 -14.78
C LYS B 24 19.72 18.66 -13.56
N SER B 25 19.57 19.74 -12.79
CA SER B 25 18.78 19.78 -11.53
C SER B 25 17.53 20.64 -11.74
N SER B 26 16.42 20.23 -11.10
CA SER B 26 15.09 20.87 -11.22
C SER B 26 15.08 22.27 -10.60
N GLN B 27 16.03 22.59 -9.72
CA GLN B 27 16.25 23.96 -9.18
C GLN B 27 17.76 24.16 -8.97
N SER B 28 18.20 25.40 -8.80
CA SER B 28 19.63 25.77 -8.66
C SER B 28 20.27 25.02 -7.48
N LEU B 29 21.51 24.59 -7.63
CA LEU B 29 22.29 23.91 -6.57
C LEU B 29 23.25 24.91 -5.91
N LEU B 30 23.19 26.19 -6.27
CA LEU B 30 23.95 27.28 -5.58
C LEU B 30 23.40 27.41 -4.16
N TYR B 31 24.26 27.30 -3.14
CA TYR B 31 23.90 27.45 -1.71
C TYR B 31 24.19 28.88 -1.22
N SER B 32 23.50 29.27 -0.14
CA SER B 32 23.57 30.59 0.53
C SER B 32 25.03 31.03 0.73
N ASN B 33 25.92 30.10 1.11
CA ASN B 33 27.32 30.44 1.49
C ASN B 33 28.22 30.46 0.25
N GLY B 34 27.65 30.41 -0.96
CA GLY B 34 28.38 30.51 -2.24
C GLY B 34 28.79 29.17 -2.80
N LYS B 35 28.70 28.08 -2.02
CA LYS B 35 29.13 26.72 -2.44
C LYS B 35 28.00 26.08 -3.25
N THR B 36 28.35 25.14 -4.14
CA THR B 36 27.42 24.33 -4.96
C THR B 36 27.73 22.86 -4.71
N PHE B 37 26.80 22.12 -4.08
CA PHE B 37 27.03 20.77 -3.53
C PHE B 37 26.62 19.70 -4.55
N LEU B 38 27.25 19.74 -5.73
CA LEU B 38 27.07 18.68 -6.74
C LEU B 38 28.22 17.70 -6.66
N ASN B 39 27.88 16.42 -6.52
CA ASN B 39 28.84 15.29 -6.41
C ASN B 39 28.62 14.35 -7.60
N TRP B 40 29.67 13.65 -8.01
CA TRP B 40 29.62 12.53 -8.97
C TRP B 40 30.05 11.26 -8.24
N LEU B 41 29.22 10.23 -8.27
CA LEU B 41 29.59 8.88 -7.80
C LEU B 41 29.87 7.99 -9.02
N PHE B 42 30.69 6.95 -8.82
CA PHE B 42 30.95 5.89 -9.82
C PHE B 42 30.69 4.54 -9.15
N GLN B 43 30.02 3.62 -9.86
CA GLN B 43 29.71 2.26 -9.35
C GLN B 43 30.14 1.22 -10.39
N ARG B 44 31.11 0.37 -10.05
CA ARG B 44 31.42 -0.88 -10.79
C ARG B 44 30.33 -1.90 -10.50
N PRO B 45 29.93 -2.78 -11.45
CA PRO B 45 29.03 -3.88 -11.17
C PRO B 45 29.43 -4.71 -9.94
N GLY B 46 28.47 -5.00 -9.06
CA GLY B 46 28.68 -5.79 -7.84
C GLY B 46 29.36 -5.02 -6.71
N GLN B 47 29.74 -3.74 -6.92
CA GLN B 47 30.51 -2.89 -5.97
C GLN B 47 29.66 -1.72 -5.45
N SER B 48 30.02 -1.15 -4.30
CA SER B 48 29.34 0.03 -3.70
C SER B 48 29.66 1.27 -4.54
N PRO B 49 28.78 2.29 -4.60
CA PRO B 49 29.14 3.56 -5.24
C PRO B 49 30.35 4.15 -4.53
N LYS B 50 31.12 4.95 -5.26
CA LYS B 50 32.31 5.67 -4.75
C LYS B 50 32.29 7.10 -5.31
N ARG B 51 32.43 8.10 -4.45
CA ARG B 51 32.46 9.52 -4.89
C ARG B 51 33.78 9.78 -5.61
N LEU B 52 33.70 10.41 -6.78
CA LEU B 52 34.87 10.86 -7.55
C LEU B 52 35.06 12.36 -7.34
N ILE B 53 33.97 13.10 -7.45
CA ILE B 53 33.95 14.58 -7.49
C ILE B 53 32.98 15.11 -6.43
N TYR B 54 33.37 16.19 -5.75
CA TYR B 54 32.53 16.96 -4.81
C TYR B 54 32.70 18.46 -5.09
N LEU B 55 31.73 19.26 -4.63
CA LEU B 55 31.67 20.73 -4.84
C LEU B 55 31.93 21.04 -6.33
N VAL B 56 31.30 20.26 -7.22
CA VAL B 56 31.22 20.48 -8.70
C VAL B 56 32.48 19.97 -9.40
N SER B 57 33.68 20.34 -8.93
CA SER B 57 34.94 20.19 -9.70
C SER B 57 36.13 19.73 -8.86
N LYS B 58 35.93 19.42 -7.57
CA LYS B 58 37.04 19.00 -6.66
C LYS B 58 37.14 17.47 -6.67
N LEU B 59 38.33 16.92 -6.95
CA LEU B 59 38.57 15.45 -7.01
C LEU B 59 38.76 14.89 -5.61
N ASP B 60 38.15 13.73 -5.32
CA ASP B 60 38.44 12.96 -4.09
C ASP B 60 39.88 12.45 -4.14
N SER B 61 40.47 12.19 -2.98
CA SER B 61 41.81 11.55 -2.80
C SER B 61 41.96 10.31 -3.67
N GLY B 62 43.01 10.25 -4.49
CA GLY B 62 43.36 9.06 -5.30
C GLY B 62 42.57 8.93 -6.60
N VAL B 63 41.60 9.83 -6.84
CA VAL B 63 40.80 9.81 -8.11
C VAL B 63 41.72 10.22 -9.24
N PRO B 64 41.83 9.43 -10.33
CA PRO B 64 42.70 9.81 -11.46
C PRO B 64 42.40 11.21 -11.99
N ASP B 65 43.42 11.82 -12.56
CA ASP B 65 43.42 13.23 -13.02
C ASP B 65 42.63 13.40 -14.32
N ARG B 66 42.33 12.30 -15.02
CA ARG B 66 41.53 12.32 -16.29
C ARG B 66 40.08 12.73 -16.01
N PHE B 67 39.63 12.72 -14.75
CA PHE B 67 38.26 13.12 -14.35
C PHE B 67 38.22 14.63 -14.05
N THR B 68 37.27 15.33 -14.69
CA THR B 68 37.03 16.79 -14.51
C THR B 68 35.51 17.01 -14.38
N GLY B 69 35.10 17.78 -13.38
CA GLY B 69 33.72 18.23 -13.20
C GLY B 69 33.62 19.73 -13.43
N SER B 70 32.47 20.20 -13.92
CA SER B 70 32.19 21.64 -14.19
C SER B 70 30.69 21.89 -14.15
N GLY B 71 30.29 23.17 -14.23
CA GLY B 71 28.88 23.61 -14.25
C GLY B 71 28.55 24.57 -13.12
N SER B 72 27.30 25.02 -13.09
CA SER B 72 26.74 25.94 -12.07
C SER B 72 25.22 25.93 -12.19
N GLY B 73 24.52 26.40 -11.15
CA GLY B 73 23.06 26.55 -11.18
C GLY B 73 22.41 25.20 -11.35
N THR B 74 21.99 24.87 -12.58
CA THR B 74 21.14 23.68 -12.89
C THR B 74 21.78 22.77 -13.94
N ALA B 75 22.94 23.12 -14.51
CA ALA B 75 23.60 22.38 -15.60
C ALA B 75 25.03 22.03 -15.19
N PHE B 76 25.37 20.73 -15.18
CA PHE B 76 26.69 20.20 -14.76
C PHE B 76 27.16 19.11 -15.73
N THR B 77 28.48 18.96 -15.84
CA THR B 77 29.13 18.01 -16.77
C THR B 77 30.27 17.28 -16.03
N LEU B 78 30.33 15.97 -16.21
CA LEU B 78 31.53 15.13 -15.91
C LEU B 78 32.20 14.77 -17.23
N LYS B 79 33.52 14.94 -17.31
CA LYS B 79 34.32 14.60 -18.51
C LYS B 79 35.45 13.66 -18.09
N ILE B 80 35.76 12.72 -18.98
CA ILE B 80 36.98 11.86 -18.90
C ILE B 80 37.82 12.21 -20.13
N SER B 81 39.07 12.65 -19.90
CA SER B 81 39.99 13.10 -20.98
C SER B 81 40.28 11.91 -21.92
N ARG B 82 40.58 10.74 -21.36
CA ARG B 82 40.82 9.49 -22.15
C ARG B 82 40.33 8.30 -21.32
N VAL B 83 39.29 7.62 -21.80
CA VAL B 83 38.64 6.49 -21.06
C VAL B 83 39.63 5.33 -20.94
N GLU B 84 39.71 4.73 -19.75
CA GLU B 84 40.46 3.48 -19.47
C GLU B 84 39.45 2.39 -19.07
N ALA B 85 39.87 1.12 -19.15
CA ALA B 85 38.98 -0.05 -18.93
C ALA B 85 38.31 0.02 -17.56
N GLU B 86 39.04 0.50 -16.53
CA GLU B 86 38.58 0.62 -15.12
C GLU B 86 37.40 1.60 -15.01
N ASP B 87 37.21 2.48 -15.99
CA ASP B 87 36.20 3.58 -15.96
C ASP B 87 34.83 3.07 -16.41
N LEU B 88 34.73 1.83 -16.94
CA LEU B 88 33.43 1.28 -17.41
C LEU B 88 32.57 0.93 -16.20
N GLY B 89 31.28 1.27 -16.27
CA GLY B 89 30.32 1.20 -15.15
C GLY B 89 29.31 2.36 -15.18
N VAL B 90 28.70 2.65 -14.04
CA VAL B 90 27.60 3.65 -13.94
C VAL B 90 28.07 4.88 -13.14
N TYR B 91 27.85 6.06 -13.70
CA TYR B 91 28.14 7.37 -13.08
C TYR B 91 26.80 8.00 -12.66
N TYR B 92 26.70 8.40 -11.39
CA TYR B 92 25.53 9.11 -10.83
C TYR B 92 25.96 10.51 -10.42
N CYS B 93 25.17 11.53 -10.74
CA CYS B 93 25.29 12.86 -10.11
C CYS B 93 24.42 12.85 -8.84
N VAL B 94 24.87 13.54 -7.80
CA VAL B 94 24.18 13.57 -6.47
C VAL B 94 24.21 15.01 -5.94
N GLN B 95 23.02 15.51 -5.65
CA GLN B 95 22.69 16.89 -5.22
C GLN B 95 22.67 16.88 -3.69
N GLY B 96 23.51 17.69 -3.04
CA GLY B 96 23.58 17.86 -1.58
C GLY B 96 23.26 19.27 -1.11
N THR B 97 22.75 20.13 -1.99
CA THR B 97 22.36 21.54 -1.68
C THR B 97 21.05 21.55 -0.87
N HIS B 98 20.00 20.92 -1.39
CA HIS B 98 18.63 20.90 -0.81
C HIS B 98 18.35 19.56 -0.12
N PHE B 99 17.91 19.59 1.14
CA PHE B 99 17.43 18.41 1.88
C PHE B 99 16.30 17.80 1.03
N PRO B 100 15.93 16.53 1.25
CA PRO B 100 16.74 15.34 0.92
C PRO B 100 17.77 15.27 -0.21
N LEU B 101 18.93 14.70 0.16
CA LEU B 101 19.98 14.22 -0.77
C LEU B 101 19.30 13.42 -1.88
N THR B 102 19.55 13.78 -3.13
CA THR B 102 18.79 13.23 -4.30
C THR B 102 19.80 12.86 -5.40
N PHE B 103 19.48 11.80 -6.15
CA PHE B 103 20.40 11.13 -7.12
C PHE B 103 19.79 11.16 -8.52
N GLY B 104 20.64 11.31 -9.54
CA GLY B 104 20.29 10.98 -10.93
C GLY B 104 20.09 9.48 -11.08
N ALA B 105 19.44 9.04 -12.16
CA ALA B 105 19.14 7.63 -12.46
C ALA B 105 20.41 6.94 -12.99
N GLY B 106 21.45 7.71 -13.31
CA GLY B 106 22.77 7.19 -13.69
C GLY B 106 23.01 7.17 -15.20
N THR B 107 24.29 7.19 -15.60
CA THR B 107 24.75 7.05 -17.00
C THR B 107 25.72 5.86 -17.10
N LYS B 108 25.38 4.85 -17.88
CA LYS B 108 26.21 3.64 -18.04
C LYS B 108 27.23 3.91 -19.16
N LEU B 109 28.52 3.90 -18.84
CA LEU B 109 29.63 3.92 -19.83
C LEU B 109 29.84 2.50 -20.36
N GLU B 110 29.50 2.25 -21.63
CA GLU B 110 29.58 0.93 -22.30
C GLU B 110 30.65 0.98 -23.40
N LEU B 111 31.25 -0.17 -23.73
CA LEU B 111 32.34 -0.29 -24.71
C LEU B 111 31.76 -0.35 -26.13
N LYS B 112 32.21 0.55 -27.00
CA LYS B 112 31.85 0.56 -28.44
C LYS B 112 32.50 -0.61 -29.17
N ARG B 113 31.71 -1.25 -30.03
CA ARG B 113 32.11 -2.31 -31.01
C ARG B 113 31.31 -2.04 -32.30
N ALA B 114 31.41 -2.93 -33.30
CA ALA B 114 30.72 -2.77 -34.61
C ALA B 114 29.22 -3.07 -34.45
N ASP B 115 28.37 -2.33 -35.16
CA ASP B 115 26.92 -2.60 -35.21
C ASP B 115 26.72 -4.09 -35.56
N ALA B 116 25.75 -4.73 -34.94
CA ALA B 116 25.39 -6.14 -35.23
C ALA B 116 23.88 -6.32 -35.09
N ALA B 117 23.24 -6.85 -36.13
CA ALA B 117 21.79 -7.18 -36.13
C ALA B 117 21.58 -8.38 -35.20
N PRO B 118 20.44 -8.43 -34.48
CA PRO B 118 20.16 -9.54 -33.58
C PRO B 118 19.86 -10.82 -34.36
N THR B 119 20.27 -11.98 -33.84
CA THR B 119 19.77 -13.31 -34.28
C THR B 119 18.48 -13.60 -33.51
N VAL B 120 17.36 -13.67 -34.20
CA VAL B 120 16.01 -13.79 -33.58
C VAL B 120 15.55 -15.23 -33.75
N SER B 121 15.11 -15.87 -32.67
CA SER B 121 14.62 -17.27 -32.61
C SER B 121 13.29 -17.27 -31.85
N ILE B 122 12.24 -17.89 -32.38
CA ILE B 122 10.97 -17.99 -31.62
C ILE B 122 10.73 -19.47 -31.28
N PHE B 123 10.17 -19.76 -30.10
CA PHE B 123 9.92 -21.15 -29.63
C PHE B 123 8.48 -21.29 -29.14
N PRO B 124 7.74 -22.31 -29.63
CA PRO B 124 6.41 -22.60 -29.10
C PRO B 124 6.46 -23.15 -27.68
N PRO B 125 5.34 -23.13 -26.94
CA PRO B 125 5.22 -23.86 -25.68
C PRO B 125 5.64 -25.34 -25.85
N SER B 126 6.37 -25.88 -24.88
CA SER B 126 6.71 -27.32 -24.88
C SER B 126 5.46 -28.16 -24.59
N SER B 127 5.45 -29.42 -24.99
CA SER B 127 4.34 -30.37 -24.69
C SER B 127 4.31 -30.60 -23.17
N GLU B 128 5.49 -30.63 -22.55
CA GLU B 128 5.61 -30.73 -21.09
C GLU B 128 4.80 -29.61 -20.46
N GLN B 129 5.05 -28.34 -20.82
CA GLN B 129 4.38 -27.19 -20.17
C GLN B 129 2.87 -27.32 -20.43
N LEU B 130 2.46 -27.60 -21.66
CA LEU B 130 1.03 -27.69 -22.04
C LEU B 130 0.35 -28.76 -21.18
N THR B 131 0.96 -29.94 -21.08
CA THR B 131 0.59 -31.01 -20.12
C THR B 131 0.26 -30.35 -18.77
N SER B 132 1.16 -29.45 -18.30
CA SER B 132 1.11 -28.82 -16.96
C SER B 132 0.03 -27.75 -16.87
N GLY B 133 -0.56 -27.33 -18.00
CA GLY B 133 -1.67 -26.36 -18.04
C GLY B 133 -1.22 -24.94 -18.37
N GLY B 134 0.08 -24.74 -18.63
CA GLY B 134 0.71 -23.44 -18.97
C GLY B 134 1.15 -23.39 -20.42
N ALA B 135 1.45 -22.20 -20.93
CA ALA B 135 1.92 -22.00 -22.32
C ALA B 135 2.75 -20.72 -22.41
N SER B 136 4.07 -20.84 -22.36
CA SER B 136 5.01 -19.70 -22.52
C SER B 136 5.55 -19.73 -23.95
N VAL B 137 5.56 -18.58 -24.63
CA VAL B 137 6.19 -18.42 -25.96
C VAL B 137 7.44 -17.56 -25.78
N VAL B 138 8.57 -18.03 -26.28
CA VAL B 138 9.88 -17.40 -25.98
C VAL B 138 10.51 -16.92 -27.27
N CYS B 139 11.02 -15.69 -27.25
CA CYS B 139 11.76 -15.07 -28.34
C CYS B 139 13.11 -14.63 -27.77
N PHE B 140 14.21 -15.08 -28.38
CA PHE B 140 15.59 -14.60 -28.10
C PHE B 140 16.02 -13.64 -29.24
N LEU B 141 16.53 -12.49 -28.82
CA LEU B 141 17.14 -11.44 -29.68
C LEU B 141 18.62 -11.40 -29.28
N ASN B 142 19.48 -12.13 -30.01
CA ASN B 142 20.82 -12.53 -29.52
C ASN B 142 21.94 -11.77 -30.24
N ASN B 143 22.93 -11.30 -29.47
CA ASN B 143 24.26 -10.90 -30.00
C ASN B 143 24.14 -9.69 -30.92
N PHE B 144 23.37 -8.69 -30.50
CA PHE B 144 23.16 -7.43 -31.27
C PHE B 144 23.97 -6.30 -30.63
N TYR B 145 24.14 -5.21 -31.37
CA TYR B 145 24.80 -4.01 -30.82
C TYR B 145 24.61 -2.77 -31.68
N PRO B 146 23.84 -1.75 -31.23
CA PRO B 146 24.03 -1.13 -29.92
C PRO B 146 22.88 -1.70 -29.07
N LYS B 147 22.81 -1.38 -27.77
CA LYS B 147 21.90 -2.03 -26.78
C LYS B 147 20.42 -1.83 -27.14
N ASP B 148 20.04 -0.69 -27.73
CA ASP B 148 18.62 -0.29 -27.96
C ASP B 148 17.96 -1.20 -29.00
N ILE B 149 16.80 -1.76 -28.65
CA ILE B 149 16.03 -2.68 -29.55
C ILE B 149 14.54 -2.61 -29.17
N ASN B 150 13.67 -2.81 -30.18
CA ASN B 150 12.19 -2.90 -29.98
C ASN B 150 11.72 -4.30 -30.36
N VAL B 151 11.01 -4.98 -29.47
CA VAL B 151 10.37 -6.30 -29.73
C VAL B 151 8.87 -6.07 -29.74
N LYS B 152 8.16 -6.63 -30.72
CA LYS B 152 6.68 -6.65 -30.77
C LYS B 152 6.23 -8.10 -30.89
N TRP B 153 5.23 -8.49 -30.09
CA TRP B 153 4.50 -9.77 -30.28
C TRP B 153 3.27 -9.50 -31.16
N LYS B 154 2.99 -10.44 -32.07
CA LYS B 154 1.71 -10.48 -32.82
C LYS B 154 1.11 -11.89 -32.74
N ILE B 155 -0.14 -11.97 -32.31
CA ILE B 155 -0.96 -13.21 -32.28
C ILE B 155 -2.01 -13.07 -33.40
N ASP B 156 -1.97 -13.93 -34.42
CA ASP B 156 -2.92 -13.84 -35.57
C ASP B 156 -2.85 -12.42 -36.19
N GLY B 157 -1.64 -11.88 -36.31
CA GLY B 157 -1.36 -10.63 -37.05
C GLY B 157 -1.58 -9.39 -36.23
N SER B 158 -2.15 -9.52 -35.02
CA SER B 158 -2.59 -8.41 -34.12
C SER B 158 -1.65 -8.32 -32.92
N GLU B 159 -1.26 -7.09 -32.55
CA GLU B 159 -0.26 -6.84 -31.48
C GLU B 159 -0.78 -7.32 -30.11
N ARG B 160 0.14 -7.66 -29.21
CA ARG B 160 -0.15 -8.24 -27.89
C ARG B 160 0.87 -7.71 -26.89
N GLN B 161 0.41 -7.23 -25.74
CA GLN B 161 1.26 -6.60 -24.68
C GLN B 161 1.18 -7.42 -23.39
N ASN B 162 -0.04 -7.84 -23.04
CA ASN B 162 -0.37 -8.52 -21.76
C ASN B 162 0.35 -9.87 -21.77
N GLY B 163 1.10 -10.14 -20.69
CA GLY B 163 1.78 -11.41 -20.41
C GLY B 163 3.23 -11.42 -20.86
N VAL B 164 3.75 -10.31 -21.39
CA VAL B 164 5.12 -10.18 -21.95
C VAL B 164 6.05 -9.68 -20.85
N LEU B 165 7.17 -10.37 -20.62
CA LEU B 165 8.30 -9.88 -19.78
C LEU B 165 9.63 -10.01 -20.54
N ASN B 166 10.47 -8.97 -20.48
CA ASN B 166 11.75 -8.84 -21.21
C ASN B 166 12.91 -8.90 -20.19
N SER B 167 14.03 -9.49 -20.56
CA SER B 167 15.27 -9.45 -19.75
C SER B 167 16.45 -9.25 -20.69
N TRP B 168 17.38 -8.38 -20.31
CA TRP B 168 18.60 -8.07 -21.10
C TRP B 168 19.77 -8.72 -20.37
N THR B 169 20.76 -9.20 -21.10
CA THR B 169 22.07 -9.55 -20.49
C THR B 169 22.87 -8.25 -20.31
N ASP B 170 23.94 -8.32 -19.54
CA ASP B 170 25.02 -7.28 -19.54
C ASP B 170 25.83 -7.46 -20.84
N GLN B 171 26.56 -6.43 -21.24
CA GLN B 171 27.47 -6.49 -22.41
C GLN B 171 28.36 -7.73 -22.25
N ASP B 172 28.40 -8.57 -23.29
CA ASP B 172 29.11 -9.87 -23.29
C ASP B 172 30.62 -9.63 -23.08
N SER B 173 31.27 -10.43 -22.24
CA SER B 173 32.71 -10.25 -21.85
C SER B 173 33.61 -10.39 -23.08
N LYS B 174 33.31 -11.35 -23.95
CA LYS B 174 34.18 -11.74 -25.12
C LYS B 174 33.75 -10.95 -26.35
N ASP B 175 32.43 -10.74 -26.53
CA ASP B 175 31.73 -10.29 -27.76
C ASP B 175 31.47 -8.78 -27.75
N SER B 176 31.21 -8.22 -26.58
CA SER B 176 30.75 -6.82 -26.37
C SER B 176 29.37 -6.60 -26.97
N THR B 177 28.63 -7.67 -27.30
CA THR B 177 27.22 -7.58 -27.79
C THR B 177 26.27 -7.62 -26.59
N TYR B 178 25.00 -7.37 -26.87
CA TYR B 178 23.88 -7.53 -25.91
C TYR B 178 22.95 -8.63 -26.43
N SER B 179 22.22 -9.25 -25.52
CA SER B 179 21.14 -10.20 -25.85
C SER B 179 19.91 -9.83 -25.01
N MET B 180 18.75 -10.16 -25.54
CA MET B 180 17.42 -9.91 -24.90
C MET B 180 16.54 -11.15 -25.11
N SER B 181 15.78 -11.53 -24.06
CA SER B 181 14.70 -12.53 -24.08
C SER B 181 13.37 -11.79 -23.88
N SER B 182 12.37 -12.18 -24.66
CA SER B 182 10.96 -11.73 -24.53
C SER B 182 10.13 -13.00 -24.32
N THR B 183 9.28 -13.00 -23.31
CA THR B 183 8.49 -14.20 -22.93
C THR B 183 7.04 -13.77 -22.80
N LEU B 184 6.20 -14.34 -23.67
CA LEU B 184 4.73 -14.24 -23.66
C LEU B 184 4.16 -15.44 -22.91
N THR B 185 3.58 -15.23 -21.72
CA THR B 185 2.99 -16.30 -20.88
C THR B 185 1.48 -16.28 -21.01
N LEU B 186 0.91 -17.34 -21.59
CA LEU B 186 -0.55 -17.54 -21.76
C LEU B 186 -0.97 -18.75 -20.91
N THR B 187 -2.26 -18.88 -20.65
CA THR B 187 -2.88 -20.18 -20.24
C THR B 187 -2.86 -21.11 -21.46
N LYS B 188 -2.91 -22.43 -21.24
CA LYS B 188 -3.13 -23.43 -22.31
C LYS B 188 -4.39 -23.03 -23.09
N ASP B 189 -5.47 -22.76 -22.37
CA ASP B 189 -6.79 -22.44 -22.99
C ASP B 189 -6.61 -21.26 -23.96
N GLU B 190 -5.92 -20.20 -23.54
CA GLU B 190 -5.78 -18.97 -24.35
C GLU B 190 -4.87 -19.25 -25.54
N TYR B 191 -3.79 -19.99 -25.33
CA TYR B 191 -2.82 -20.34 -26.41
C TYR B 191 -3.55 -21.09 -27.54
N GLU B 192 -4.48 -21.98 -27.18
CA GLU B 192 -5.18 -22.86 -28.15
C GLU B 192 -6.24 -22.07 -28.91
N ARG B 193 -6.60 -20.87 -28.45
CA ARG B 193 -7.61 -19.99 -29.14
C ARG B 193 -7.01 -19.27 -30.37
N HIS B 194 -5.70 -19.36 -30.57
CA HIS B 194 -5.01 -18.69 -31.70
C HIS B 194 -3.96 -19.63 -32.30
N ASN B 195 -3.62 -19.42 -33.57
CA ASN B 195 -2.78 -20.37 -34.37
C ASN B 195 -1.43 -19.75 -34.74
N SER B 196 -1.37 -18.45 -35.01
CA SER B 196 -0.17 -17.78 -35.56
C SER B 196 0.49 -16.96 -34.45
N TYR B 197 1.76 -17.25 -34.15
CA TYR B 197 2.53 -16.55 -33.10
C TYR B 197 3.76 -15.94 -33.78
N THR B 198 3.98 -14.64 -33.56
CA THR B 198 5.03 -13.87 -34.26
C THR B 198 5.78 -13.02 -33.25
N CYS B 199 7.11 -13.05 -33.34
CA CYS B 199 8.07 -12.14 -32.67
C CYS B 199 8.72 -11.26 -33.75
N GLU B 200 8.67 -9.93 -33.62
CA GLU B 200 9.27 -8.94 -34.56
C GLU B 200 10.29 -8.07 -33.82
N ALA B 201 11.52 -7.98 -34.33
CA ALA B 201 12.60 -7.15 -33.77
C ALA B 201 12.86 -5.97 -34.73
N THR B 202 12.91 -4.75 -34.19
CA THR B 202 13.39 -3.55 -34.92
C THR B 202 14.68 -3.07 -34.25
N HIS B 203 15.73 -2.94 -35.04
CA HIS B 203 17.09 -2.53 -34.60
C HIS B 203 17.65 -1.60 -35.67
N LYS B 204 18.45 -0.61 -35.27
CA LYS B 204 19.04 0.41 -36.17
C LYS B 204 19.77 -0.24 -37.35
N THR B 205 20.23 -1.47 -37.25
CA THR B 205 21.01 -2.16 -38.32
C THR B 205 20.16 -2.37 -39.57
N SER B 206 18.83 -2.28 -39.47
CA SER B 206 17.89 -2.34 -40.62
C SER B 206 16.61 -1.56 -40.34
N THR B 207 16.08 -0.87 -41.35
CA THR B 207 14.75 -0.21 -41.28
C THR B 207 13.69 -1.31 -41.29
N SER B 208 14.01 -2.49 -41.83
CA SER B 208 13.09 -3.66 -41.95
C SER B 208 13.15 -4.52 -40.69
N PRO B 209 12.00 -4.76 -40.03
CA PRO B 209 11.97 -5.58 -38.84
C PRO B 209 12.31 -7.03 -39.22
N ILE B 210 12.94 -7.74 -38.29
CA ILE B 210 13.21 -9.21 -38.36
C ILE B 210 11.98 -9.90 -37.79
N VAL B 211 11.29 -10.67 -38.62
CA VAL B 211 10.02 -11.36 -38.25
C VAL B 211 10.31 -12.85 -38.10
N LYS B 212 9.97 -13.44 -36.95
CA LYS B 212 10.01 -14.91 -36.74
C LYS B 212 8.65 -15.38 -36.22
N SER B 213 8.12 -16.47 -36.77
CA SER B 213 6.74 -16.95 -36.48
C SER B 213 6.76 -18.48 -36.46
N PHE B 214 5.80 -19.06 -35.75
CA PHE B 214 5.39 -20.47 -35.94
C PHE B 214 3.87 -20.54 -35.95
N ASN B 215 3.37 -21.72 -36.30
CA ASN B 215 1.94 -22.05 -36.23
C ASN B 215 1.75 -23.10 -35.13
N ARG B 216 0.78 -22.87 -34.25
CA ARG B 216 0.38 -23.84 -33.19
C ARG B 216 0.15 -25.23 -33.80
N ASN B 217 -0.38 -25.33 -35.03
CA ASN B 217 -0.84 -26.61 -35.62
C ASN B 217 0.12 -27.14 -36.70
N GLU B 218 1.42 -26.83 -36.60
CA GLU B 218 2.52 -27.56 -37.32
C GLU B 218 3.35 -28.33 -36.29
N GLY C 4 36.02 19.45 5.50
CA GLY C 4 37.04 19.24 4.43
C GLY C 4 36.42 19.11 3.05
N ALA C 5 35.73 18.00 2.77
CA ALA C 5 35.22 17.65 1.42
C ALA C 5 33.76 17.24 1.50
N PRO C 6 32.85 18.19 1.76
CA PRO C 6 31.45 17.86 2.07
C PRO C 6 30.61 17.44 0.85
N THR C 7 29.76 16.43 1.06
CA THR C 7 28.72 15.96 0.10
C THR C 7 27.53 16.91 0.09
N TYR C 8 27.11 17.41 1.26
CA TYR C 8 25.86 18.19 1.41
C TYR C 8 26.09 19.45 2.24
N SER C 9 25.10 20.34 2.24
CA SER C 9 25.16 21.72 2.78
C SER C 9 24.80 21.75 4.27
N TRP C 10 24.17 20.71 4.80
CA TRP C 10 23.55 20.75 6.16
C TRP C 10 24.52 20.24 7.22
N GLY C 11 25.75 19.88 6.83
CA GLY C 11 26.87 19.71 7.77
C GLY C 11 27.08 20.96 8.61
N VAL D 2 -12.71 5.67 36.98
CA VAL D 2 -14.05 5.04 36.66
C VAL D 2 -13.90 4.14 35.44
N LYS D 3 -14.30 2.87 35.57
CA LYS D 3 -14.30 1.84 34.50
C LYS D 3 -15.67 1.15 34.46
N LEU D 4 -16.30 1.11 33.29
CA LEU D 4 -17.54 0.35 33.01
C LEU D 4 -17.25 -0.62 31.86
N GLU D 5 -17.44 -1.92 32.06
CA GLU D 5 -17.19 -2.95 31.02
C GLU D 5 -18.43 -3.82 30.83
N GLU D 6 -19.06 -3.70 29.66
CA GLU D 6 -20.30 -4.41 29.26
C GLU D 6 -19.94 -5.73 28.60
N SER D 7 -20.87 -6.68 28.66
CA SER D 7 -20.84 -7.97 27.92
C SER D 7 -22.26 -8.47 27.72
N GLY D 8 -22.42 -9.53 26.90
CA GLY D 8 -23.72 -10.21 26.66
C GLY D 8 -24.31 -9.96 25.28
N GLY D 9 -23.72 -9.05 24.48
CA GLY D 9 -24.24 -8.72 23.14
C GLY D 9 -24.12 -9.92 22.20
N GLY D 10 -24.69 -9.82 21.00
CA GLY D 10 -24.63 -10.90 19.99
C GLY D 10 -25.82 -10.85 19.05
N LEU D 11 -25.96 -11.90 18.25
CA LEU D 11 -27.05 -12.09 17.26
C LEU D 11 -28.18 -12.88 17.91
N VAL D 12 -29.42 -12.38 17.82
CA VAL D 12 -30.62 -13.09 18.32
C VAL D 12 -31.78 -12.87 17.35
N GLN D 13 -32.68 -13.87 17.25
CA GLN D 13 -33.88 -13.78 16.38
C GLN D 13 -34.89 -12.85 17.03
N PRO D 14 -35.80 -12.23 16.22
CA PRO D 14 -36.93 -11.49 16.78
C PRO D 14 -37.72 -12.43 17.70
N GLY D 15 -38.21 -11.91 18.82
CA GLY D 15 -38.88 -12.75 19.83
C GLY D 15 -37.91 -13.31 20.86
N GLY D 16 -36.62 -13.33 20.57
CA GLY D 16 -35.59 -13.90 21.45
C GLY D 16 -35.29 -13.01 22.64
N SER D 17 -34.37 -13.49 23.49
CA SER D 17 -33.98 -12.95 24.82
C SER D 17 -32.45 -12.84 24.90
N MET D 18 -31.96 -11.76 25.50
CA MET D 18 -30.50 -11.55 25.75
C MET D 18 -30.34 -10.77 27.06
N LYS D 19 -29.30 -11.06 27.83
CA LYS D 19 -28.97 -10.33 29.07
C LYS D 19 -27.63 -9.61 28.87
N LEU D 20 -27.62 -8.29 29.00
CA LEU D 20 -26.38 -7.48 29.05
C LEU D 20 -25.98 -7.32 30.52
N SER D 21 -24.67 -7.40 30.78
CA SER D 21 -24.03 -7.24 32.11
C SER D 21 -23.02 -6.09 32.03
N CYS D 22 -22.84 -5.37 33.13
CA CYS D 22 -21.89 -4.25 33.24
C CYS D 22 -21.19 -4.36 34.61
N ALA D 23 -19.88 -4.59 34.61
CA ALA D 23 -19.01 -4.56 35.81
C ALA D 23 -18.45 -3.14 35.99
N ALA D 24 -18.79 -2.47 37.10
CA ALA D 24 -18.33 -1.08 37.37
C ALA D 24 -17.21 -1.11 38.42
N SER D 25 -16.31 -0.13 38.35
CA SER D 25 -15.27 0.11 39.38
C SER D 25 -14.84 1.59 39.34
N GLY D 26 -14.28 2.10 40.44
CA GLY D 26 -13.73 3.46 40.52
C GLY D 26 -14.72 4.49 41.04
N PHE D 27 -15.84 4.05 41.61
CA PHE D 27 -16.80 4.91 42.34
C PHE D 27 -17.56 4.09 43.40
N THR D 28 -18.27 4.76 44.30
CA THR D 28 -19.12 4.11 45.32
C THR D 28 -20.43 3.70 44.66
N PHE D 29 -20.49 2.43 44.22
CA PHE D 29 -21.52 1.91 43.30
C PHE D 29 -22.90 1.98 43.96
N SER D 30 -22.99 1.57 45.24
CA SER D 30 -24.22 1.56 46.07
C SER D 30 -25.01 2.87 45.90
N ASP D 31 -24.31 4.00 45.75
CA ASP D 31 -24.89 5.36 45.91
C ASP D 31 -25.32 5.95 44.57
N ALA D 32 -24.93 5.32 43.45
CA ALA D 32 -25.12 5.86 42.08
C ALA D 32 -26.39 5.26 41.45
N TYR D 33 -27.13 6.10 40.72
CA TYR D 33 -28.04 5.63 39.65
C TYR D 33 -27.12 5.07 38.58
N MET D 34 -27.59 4.06 37.83
CA MET D 34 -26.91 3.54 36.61
C MET D 34 -27.91 3.63 35.46
N ASP D 35 -27.43 3.97 34.25
CA ASP D 35 -28.29 4.22 33.05
C ASP D 35 -27.75 3.43 31.85
N TRP D 36 -28.65 2.74 31.13
CA TRP D 36 -28.36 2.15 29.81
C TRP D 36 -28.80 3.13 28.72
N VAL D 37 -27.91 3.33 27.76
CA VAL D 37 -28.14 4.16 26.54
C VAL D 37 -27.80 3.27 25.34
N ARG D 38 -28.56 3.37 24.26
CA ARG D 38 -28.27 2.58 23.04
C ARG D 38 -28.09 3.55 21.88
N GLN D 39 -27.40 3.09 20.85
CA GLN D 39 -27.07 3.88 19.64
C GLN D 39 -27.31 3.04 18.39
N SER D 40 -28.07 3.59 17.44
CA SER D 40 -28.33 3.00 16.10
C SER D 40 -28.22 4.12 15.07
N PRO D 41 -27.84 3.82 13.79
CA PRO D 41 -27.88 4.83 12.74
C PRO D 41 -29.24 5.57 12.62
N GLU D 42 -30.34 4.84 12.64
CA GLU D 42 -31.68 5.37 12.26
C GLU D 42 -32.30 6.18 13.42
N LYS D 43 -32.00 5.88 14.69
CA LYS D 43 -32.63 6.56 15.87
C LYS D 43 -31.60 7.41 16.65
N GLY D 44 -30.31 7.32 16.33
CA GLY D 44 -29.24 8.02 17.06
C GLY D 44 -29.07 7.47 18.46
N LEU D 45 -28.68 8.31 19.43
CA LEU D 45 -28.52 7.95 20.86
C LEU D 45 -29.89 7.97 21.54
N GLU D 46 -30.25 6.92 22.29
CA GLU D 46 -31.54 6.78 23.00
C GLU D 46 -31.29 6.26 24.41
N TRP D 47 -31.72 7.00 25.43
CA TRP D 47 -31.82 6.51 26.83
C TRP D 47 -32.76 5.30 26.82
N VAL D 48 -32.37 4.22 27.52
CA VAL D 48 -33.09 2.91 27.53
C VAL D 48 -33.71 2.70 28.91
N ALA D 49 -32.90 2.79 29.97
CA ALA D 49 -33.33 2.42 31.33
C ALA D 49 -32.44 3.03 32.39
N GLU D 50 -33.03 3.23 33.57
CA GLU D 50 -32.36 3.75 34.80
C GLU D 50 -32.73 2.85 35.98
N ILE D 51 -31.76 2.51 36.82
CA ILE D 51 -32.01 1.90 38.16
C ILE D 51 -31.36 2.80 39.21
N ARG D 52 -32.13 3.19 40.23
CA ARG D 52 -31.68 4.20 41.22
C ARG D 52 -30.96 3.47 42.35
N ASN D 53 -30.45 4.23 43.30
CA ASN D 53 -29.55 3.79 44.41
C ASN D 53 -30.38 3.14 45.51
N LYS D 54 -29.73 2.60 46.55
CA LYS D 54 -30.40 1.91 47.68
C LYS D 54 -31.40 2.87 48.34
N ALA D 55 -31.04 4.16 48.45
CA ALA D 55 -31.87 5.20 49.09
C ALA D 55 -33.24 5.31 48.38
N ASN D 56 -33.27 5.17 47.04
CA ASN D 56 -34.51 5.21 46.22
C ASN D 56 -35.07 3.80 45.98
N ASN D 57 -34.72 2.84 46.84
CA ASN D 57 -35.20 1.43 46.83
C ASN D 57 -35.01 0.81 45.44
N HIS D 58 -33.90 1.12 44.77
CA HIS D 58 -33.55 0.59 43.42
C HIS D 58 -34.67 0.87 42.41
N ALA D 59 -35.29 2.05 42.46
CA ALA D 59 -36.42 2.42 41.58
C ALA D 59 -35.97 2.32 40.11
N THR D 60 -36.76 1.62 39.28
CA THR D 60 -36.43 1.33 37.86
C THR D 60 -37.32 2.20 36.96
N PHE D 61 -36.77 2.62 35.81
CA PHE D 61 -37.43 3.47 34.79
C PHE D 61 -36.99 2.99 33.40
N TYR D 62 -37.91 3.02 32.43
CA TYR D 62 -37.74 2.46 31.08
C TYR D 62 -38.23 3.46 30.03
N ALA D 63 -37.52 3.54 28.89
CA ALA D 63 -38.00 4.25 27.68
C ALA D 63 -39.32 3.58 27.27
N GLU D 64 -40.26 4.36 26.73
CA GLU D 64 -41.60 3.85 26.35
C GLU D 64 -41.44 2.69 25.35
N SER D 65 -40.47 2.76 24.43
CA SER D 65 -40.26 1.75 23.36
C SER D 65 -39.88 0.38 23.95
N VAL D 66 -39.50 0.35 25.23
CA VAL D 66 -38.84 -0.82 25.88
C VAL D 66 -39.63 -1.31 27.10
N LYS D 67 -40.51 -0.47 27.65
CA LYS D 67 -41.36 -0.78 28.83
C LYS D 67 -42.11 -2.10 28.59
N GLY D 68 -42.03 -3.01 29.57
CA GLY D 68 -42.71 -4.32 29.58
C GLY D 68 -41.89 -5.41 28.92
N ARG D 69 -40.80 -5.09 28.23
CA ARG D 69 -39.96 -6.07 27.51
C ARG D 69 -38.59 -6.17 28.18
N PHE D 70 -38.07 -5.06 28.69
CA PHE D 70 -36.73 -4.97 29.34
C PHE D 70 -36.91 -4.89 30.86
N THR D 71 -35.96 -5.48 31.57
CA THR D 71 -35.83 -5.38 33.05
C THR D 71 -34.39 -4.96 33.34
N ILE D 72 -34.22 -3.82 33.99
CA ILE D 72 -32.89 -3.34 34.47
C ILE D 72 -32.79 -3.81 35.92
N SER D 73 -31.65 -4.34 36.32
CA SER D 73 -31.42 -4.80 37.71
C SER D 73 -29.96 -4.52 38.08
N ARG D 74 -29.61 -4.77 39.33
CA ARG D 74 -28.30 -4.38 39.92
C ARG D 74 -27.96 -5.36 41.05
N ASP D 75 -26.67 -5.68 41.15
CA ASP D 75 -26.06 -6.43 42.28
C ASP D 75 -25.05 -5.49 42.96
N ASP D 76 -25.45 -4.81 44.03
CA ASP D 76 -24.64 -3.79 44.75
C ASP D 76 -23.36 -4.45 45.28
N SER D 77 -23.42 -5.73 45.65
CA SER D 77 -22.28 -6.49 46.23
C SER D 77 -21.21 -6.74 45.16
N LYS D 78 -21.59 -6.88 43.88
CA LYS D 78 -20.65 -7.23 42.77
C LYS D 78 -20.35 -5.99 41.93
N SER D 79 -20.85 -4.81 42.29
CA SER D 79 -20.76 -3.55 41.51
C SER D 79 -21.15 -3.82 40.05
N SER D 80 -22.28 -4.49 39.83
CA SER D 80 -22.77 -4.93 38.50
C SER D 80 -24.23 -4.49 38.27
N VAL D 81 -24.49 -3.97 37.07
CA VAL D 81 -25.85 -3.60 36.60
C VAL D 81 -26.16 -4.47 35.38
N TYR D 82 -27.43 -4.88 35.24
CA TYR D 82 -27.87 -5.84 34.19
C TYR D 82 -29.05 -5.29 33.42
N LEU D 83 -29.19 -5.71 32.17
CA LEU D 83 -30.38 -5.41 31.33
C LEU D 83 -30.86 -6.72 30.71
N GLN D 84 -31.94 -7.28 31.25
CA GLN D 84 -32.61 -8.47 30.68
C GLN D 84 -33.58 -7.95 29.60
N MET D 85 -33.42 -8.41 28.36
CA MET D 85 -34.22 -7.91 27.20
C MET D 85 -35.01 -9.08 26.58
N ASN D 86 -36.33 -9.03 26.65
CA ASN D 86 -37.25 -10.11 26.20
C ASN D 86 -38.00 -9.60 24.97
N SER D 87 -38.64 -10.49 24.21
CA SER D 87 -39.48 -10.18 23.02
C SER D 87 -38.76 -9.14 22.15
N LEU D 88 -37.51 -9.43 21.79
CA LEU D 88 -36.63 -8.49 21.07
C LEU D 88 -37.16 -8.28 19.65
N ARG D 89 -37.02 -7.06 19.16
CA ARG D 89 -37.45 -6.64 17.81
C ARG D 89 -36.23 -6.12 17.06
N ALA D 90 -36.33 -6.07 15.72
CA ALA D 90 -35.31 -5.54 14.80
C ALA D 90 -34.83 -4.17 15.29
N GLU D 91 -35.77 -3.32 15.78
CA GLU D 91 -35.50 -1.90 16.14
C GLU D 91 -34.69 -1.83 17.43
N ASP D 92 -34.54 -2.94 18.16
CA ASP D 92 -33.70 -2.98 19.37
C ASP D 92 -32.23 -3.17 18.98
N THR D 93 -31.96 -3.44 17.70
CA THR D 93 -30.60 -3.58 17.12
C THR D 93 -29.82 -2.29 17.39
N GLY D 94 -28.57 -2.42 17.84
CA GLY D 94 -27.68 -1.26 18.06
C GLY D 94 -26.62 -1.57 19.10
N ILE D 95 -25.83 -0.56 19.45
CA ILE D 95 -24.74 -0.66 20.44
C ILE D 95 -25.31 -0.22 21.78
N TYR D 96 -25.14 -1.02 22.83
CA TYR D 96 -25.68 -0.75 24.19
C TYR D 96 -24.53 -0.32 25.10
N TYR D 97 -24.66 0.87 25.68
CA TYR D 97 -23.65 1.44 26.61
C TYR D 97 -24.20 1.41 28.03
N CYS D 98 -23.42 0.83 28.94
CA CYS D 98 -23.56 1.01 30.40
C CYS D 98 -22.99 2.38 30.75
N THR D 99 -23.73 3.24 31.44
CA THR D 99 -23.25 4.62 31.74
C THR D 99 -23.48 4.96 33.21
N LEU D 100 -22.56 5.75 33.76
CA LEU D 100 -22.70 6.54 35.00
C LEU D 100 -22.89 7.99 34.56
N GLN D 101 -24.08 8.55 34.77
CA GLN D 101 -24.42 9.96 34.46
C GLN D 101 -24.99 10.62 35.72
N TYR D 102 -24.63 10.08 36.89
CA TYR D 102 -25.11 10.54 38.21
C TYR D 102 -23.99 11.31 38.91
N GLY D 103 -24.08 12.65 38.91
CA GLY D 103 -23.11 13.60 39.50
C GLY D 103 -21.78 13.65 38.75
N THR D 104 -21.71 12.97 37.60
CA THR D 104 -20.49 12.81 36.75
C THR D 104 -20.96 12.15 35.45
N SER D 105 -20.06 11.92 34.50
CA SER D 105 -20.35 11.21 33.24
C SER D 105 -19.24 10.21 32.94
N SER D 106 -19.62 8.95 32.68
CA SER D 106 -18.71 7.88 32.24
C SER D 106 -19.51 6.85 31.43
N TRP D 107 -18.98 6.47 30.26
CA TRP D 107 -19.62 5.54 29.30
C TRP D 107 -18.72 4.32 29.14
N GLY D 108 -19.30 3.12 29.06
CA GLY D 108 -18.57 1.90 28.70
C GLY D 108 -18.20 1.87 27.21
N GLN D 109 -17.45 0.84 26.81
CA GLN D 109 -16.99 0.55 25.41
C GLN D 109 -18.21 0.15 24.57
N GLY D 110 -19.26 -0.33 25.22
CA GLY D 110 -20.51 -0.75 24.56
C GLY D 110 -20.43 -2.20 24.15
N THR D 111 -21.59 -2.82 23.96
CA THR D 111 -21.76 -4.21 23.46
C THR D 111 -22.86 -4.18 22.39
N THR D 112 -22.63 -4.88 21.28
CA THR D 112 -23.50 -4.81 20.07
C THR D 112 -24.59 -5.87 20.17
N LEU D 113 -25.83 -5.44 19.95
CA LEU D 113 -26.99 -6.34 19.78
C LEU D 113 -27.49 -6.27 18.34
N THR D 114 -27.67 -7.42 17.70
CA THR D 114 -28.26 -7.59 16.34
C THR D 114 -29.48 -8.48 16.50
N VAL D 115 -30.65 -7.97 16.21
CA VAL D 115 -31.90 -8.76 16.22
C VAL D 115 -32.29 -8.95 14.76
N SER D 116 -32.15 -10.15 14.22
CA SER D 116 -32.43 -10.49 12.79
C SER D 116 -32.84 -11.96 12.70
N SER D 117 -33.63 -12.29 11.66
CA SER D 117 -34.05 -13.65 11.26
C SER D 117 -32.97 -14.31 10.40
N ALA D 118 -32.08 -13.52 9.80
CA ALA D 118 -31.07 -14.02 8.85
C ALA D 118 -30.14 -14.94 9.63
N LYS D 119 -29.64 -15.98 8.99
CA LYS D 119 -28.85 -16.99 9.74
C LYS D 119 -27.38 -16.65 9.52
N THR D 120 -26.53 -17.03 10.47
CA THR D 120 -25.05 -16.94 10.33
C THR D 120 -24.66 -17.61 9.00
N THR D 121 -23.95 -16.89 8.14
CA THR D 121 -23.61 -17.27 6.75
C THR D 121 -22.23 -16.71 6.47
N PRO D 122 -21.24 -17.55 6.11
CA PRO D 122 -19.90 -17.05 5.80
C PRO D 122 -19.90 -16.32 4.47
N PRO D 123 -18.90 -15.44 4.23
CA PRO D 123 -18.80 -14.71 2.98
C PRO D 123 -18.21 -15.55 1.84
N SER D 124 -18.65 -15.26 0.61
CA SER D 124 -17.92 -15.63 -0.63
C SER D 124 -16.96 -14.49 -0.94
N VAL D 125 -15.65 -14.77 -1.05
CA VAL D 125 -14.60 -13.74 -1.27
C VAL D 125 -14.13 -13.86 -2.71
N TYR D 126 -14.24 -12.78 -3.49
CA TYR D 126 -13.93 -12.75 -4.94
C TYR D 126 -12.81 -11.75 -5.19
N PRO D 127 -11.80 -12.09 -6.02
CA PRO D 127 -10.73 -11.15 -6.35
C PRO D 127 -11.22 -10.14 -7.39
N LEU D 128 -10.76 -8.89 -7.27
CA LEU D 128 -11.00 -7.82 -8.27
C LEU D 128 -9.65 -7.44 -8.89
N ALA D 129 -9.37 -7.91 -10.09
CA ALA D 129 -8.11 -7.62 -10.81
C ALA D 129 -8.43 -6.84 -12.07
N PRO D 130 -7.58 -5.89 -12.50
CA PRO D 130 -7.83 -5.08 -13.71
C PRO D 130 -8.31 -5.90 -14.91
N SER D 138 1.67 4.20 -12.88
CA SER D 138 2.67 4.05 -11.79
C SER D 138 2.07 3.41 -10.52
N MET D 139 0.75 3.58 -10.31
CA MET D 139 -0.05 2.96 -9.23
C MET D 139 -1.06 2.01 -9.88
N VAL D 140 -1.33 0.87 -9.25
CA VAL D 140 -2.38 -0.07 -9.69
C VAL D 140 -3.31 -0.28 -8.49
N THR D 141 -4.62 -0.28 -8.74
CA THR D 141 -5.65 -0.55 -7.72
C THR D 141 -6.16 -1.99 -7.91
N LEU D 142 -6.20 -2.74 -6.81
CA LEU D 142 -6.78 -4.10 -6.71
C LEU D 142 -7.95 -4.02 -5.74
N GLY D 143 -8.79 -5.06 -5.70
CA GLY D 143 -9.87 -5.15 -4.70
C GLY D 143 -10.17 -6.58 -4.29
N CYS D 144 -11.03 -6.72 -3.28
CA CYS D 144 -11.73 -7.98 -2.93
C CYS D 144 -13.20 -7.69 -2.69
N LEU D 145 -14.07 -8.49 -3.30
CA LEU D 145 -15.53 -8.46 -3.11
C LEU D 145 -15.88 -9.51 -2.06
N VAL D 146 -16.46 -9.09 -0.93
CA VAL D 146 -16.84 -9.98 0.19
C VAL D 146 -18.36 -10.02 0.22
N LYS D 147 -18.94 -11.12 -0.26
CA LYS D 147 -20.36 -11.15 -0.66
C LYS D 147 -21.13 -12.19 0.16
N GLY D 148 -22.31 -11.82 0.62
CA GLY D 148 -23.36 -12.73 1.11
C GLY D 148 -23.09 -13.31 2.50
N TYR D 149 -22.60 -12.49 3.43
CA TYR D 149 -22.31 -12.94 4.82
C TYR D 149 -23.36 -12.37 5.79
N PHE D 150 -23.43 -12.94 6.99
CA PHE D 150 -24.25 -12.44 8.12
C PHE D 150 -23.58 -12.91 9.41
N PRO D 151 -23.98 -12.36 10.58
CA PRO D 151 -23.97 -10.92 10.82
C PRO D 151 -22.69 -10.15 10.47
N GLU D 152 -22.72 -8.84 10.72
CA GLU D 152 -21.51 -8.00 10.77
C GLU D 152 -20.73 -8.21 12.07
N PRO D 153 -19.38 -8.27 12.02
CA PRO D 153 -18.58 -7.54 11.05
C PRO D 153 -17.77 -8.59 10.28
N VAL D 154 -17.13 -8.22 9.17
CA VAL D 154 -15.97 -8.96 8.59
C VAL D 154 -14.75 -8.04 8.80
N THR D 155 -13.55 -8.60 8.90
CA THR D 155 -12.27 -7.83 8.87
C THR D 155 -11.51 -8.19 7.59
N VAL D 156 -11.12 -7.19 6.80
CA VAL D 156 -10.31 -7.36 5.55
C VAL D 156 -8.96 -6.69 5.79
N THR D 157 -7.88 -7.43 5.57
CA THR D 157 -6.50 -6.90 5.53
C THR D 157 -5.88 -7.27 4.19
N TRP D 158 -4.75 -6.66 3.88
CA TRP D 158 -3.98 -6.87 2.62
C TRP D 158 -2.54 -7.26 2.99
N ASN D 159 -2.07 -8.37 2.42
CA ASN D 159 -0.77 -9.04 2.72
C ASN D 159 -0.58 -9.02 4.25
N SER D 160 -1.59 -9.54 4.96
CA SER D 160 -1.70 -9.66 6.45
C SER D 160 -1.40 -8.33 7.15
N GLY D 161 -1.78 -7.20 6.53
CA GLY D 161 -1.71 -5.85 7.14
C GLY D 161 -0.46 -5.09 6.78
N SER D 164 -1.46 -1.42 4.44
CA SER D 164 -2.49 -0.72 5.23
C SER D 164 -2.72 0.70 4.68
N SER D 165 -1.68 1.30 4.11
CA SER D 165 -1.62 2.73 3.72
C SER D 165 -2.62 3.06 2.61
N GLY D 166 -2.68 2.25 1.54
CA GLY D 166 -3.49 2.55 0.34
C GLY D 166 -4.83 1.82 0.32
N VAL D 167 -5.37 1.49 1.50
CA VAL D 167 -6.55 0.59 1.66
C VAL D 167 -7.81 1.42 1.89
N HIS D 168 -8.91 1.01 1.27
CA HIS D 168 -10.28 1.50 1.57
C HIS D 168 -11.19 0.28 1.64
N THR D 169 -11.70 -0.02 2.84
CA THR D 169 -12.81 -0.99 3.03
C THR D 169 -14.09 -0.19 3.23
N PHE D 170 -15.03 -0.35 2.29
CA PHE D 170 -16.30 0.40 2.23
C PHE D 170 -17.30 -0.24 3.20
N PRO D 171 -18.20 0.56 3.81
CA PRO D 171 -19.26 0.01 4.66
C PRO D 171 -20.08 -1.05 3.91
N ALA D 172 -20.50 -2.09 4.62
CA ALA D 172 -21.29 -3.21 4.04
C ALA D 172 -22.72 -2.75 3.79
N VAL D 173 -23.33 -3.22 2.69
CA VAL D 173 -24.74 -2.96 2.30
C VAL D 173 -25.49 -4.29 2.29
N LEU D 174 -26.79 -4.25 2.58
CA LEU D 174 -27.68 -5.43 2.58
C LEU D 174 -28.32 -5.61 1.21
N GLN D 175 -28.35 -6.84 0.70
CA GLN D 175 -29.23 -7.30 -0.41
C GLN D 175 -29.75 -8.70 -0.08
N SER D 176 -31.07 -8.82 0.09
CA SER D 176 -31.79 -10.05 0.50
C SER D 176 -31.20 -10.58 1.80
N ASP D 177 -31.12 -9.72 2.82
CA ASP D 177 -30.79 -10.08 4.22
C ASP D 177 -29.34 -10.58 4.37
N LEU D 178 -28.49 -10.39 3.37
CA LEU D 178 -27.04 -10.69 3.51
C LEU D 178 -26.21 -9.44 3.23
N TYR D 179 -25.07 -9.30 3.91
CA TYR D 179 -24.15 -8.16 3.71
C TYR D 179 -23.21 -8.46 2.53
N THR D 180 -22.85 -7.40 1.81
CA THR D 180 -21.73 -7.39 0.83
C THR D 180 -20.92 -6.11 1.04
N LEU D 181 -19.59 -6.22 1.06
CA LEU D 181 -18.71 -5.04 0.91
C LEU D 181 -17.58 -5.39 -0.05
N SER D 182 -16.81 -4.37 -0.40
CA SER D 182 -15.57 -4.46 -1.19
C SER D 182 -14.48 -3.71 -0.43
N SER D 183 -13.24 -4.07 -0.70
CA SER D 183 -12.02 -3.38 -0.20
C SER D 183 -11.12 -3.10 -1.40
N SER D 184 -10.60 -1.89 -1.53
CA SER D 184 -9.59 -1.51 -2.55
C SER D 184 -8.24 -1.36 -1.89
N VAL D 185 -7.18 -1.69 -2.62
CA VAL D 185 -5.79 -1.37 -2.21
C VAL D 185 -5.10 -0.77 -3.41
N THR D 186 -4.24 0.22 -3.18
CA THR D 186 -3.38 0.84 -4.21
C THR D 186 -1.93 0.51 -3.85
N VAL D 187 -1.18 0.03 -4.84
CA VAL D 187 0.26 -0.36 -4.74
C VAL D 187 0.98 0.18 -5.97
N PRO D 188 2.31 0.39 -5.88
CA PRO D 188 3.11 0.73 -7.06
C PRO D 188 3.04 -0.43 -8.06
N SER D 189 2.98 -0.09 -9.36
CA SER D 189 2.93 -1.05 -10.49
C SER D 189 4.19 -1.92 -10.50
N SER D 190 5.28 -1.45 -9.91
CA SER D 190 6.54 -2.24 -9.75
C SER D 190 6.30 -3.46 -8.85
N THR D 191 5.34 -3.42 -7.94
CA THR D 191 5.15 -4.48 -6.90
C THR D 191 4.14 -5.52 -7.39
N TRP D 192 3.23 -5.18 -8.29
CA TRP D 192 2.16 -6.13 -8.72
C TRP D 192 1.91 -6.08 -10.22
N PRO D 193 2.34 -7.13 -10.95
CA PRO D 193 1.93 -8.51 -10.70
C PRO D 193 3.18 -9.29 -10.22
N SER D 194 4.36 -8.64 -10.19
CA SER D 194 5.67 -9.25 -9.90
C SER D 194 5.66 -9.91 -8.52
N GLU D 195 5.21 -9.19 -7.48
CA GLU D 195 4.99 -9.74 -6.11
C GLU D 195 3.49 -9.94 -5.95
N THR D 196 3.10 -10.80 -5.02
CA THR D 196 1.69 -11.19 -4.79
C THR D 196 1.02 -10.13 -3.93
N VAL D 197 -0.29 -10.06 -4.09
CA VAL D 197 -1.21 -9.24 -3.26
C VAL D 197 -2.42 -10.13 -2.95
N THR D 198 -2.70 -10.28 -1.66
CA THR D 198 -3.71 -11.20 -1.09
C THR D 198 -4.56 -10.36 -0.13
N CYS D 199 -5.89 -10.43 -0.23
CA CYS D 199 -6.76 -9.88 0.83
C CYS D 199 -7.09 -11.02 1.80
N ASN D 200 -7.00 -10.71 3.10
CA ASN D 200 -7.27 -11.68 4.20
C ASN D 200 -8.60 -11.28 4.85
N VAL D 201 -9.62 -12.11 4.65
CA VAL D 201 -11.03 -11.82 5.04
C VAL D 201 -11.38 -12.74 6.21
N ALA D 202 -11.67 -12.17 7.38
CA ALA D 202 -12.10 -12.93 8.58
C ALA D 202 -13.55 -12.59 8.91
N HIS D 203 -14.41 -13.62 9.02
CA HIS D 203 -15.81 -13.52 9.50
C HIS D 203 -15.91 -14.26 10.85
N PRO D 204 -15.72 -13.55 11.99
CA PRO D 204 -15.67 -14.20 13.30
C PRO D 204 -16.89 -15.07 13.63
N ALA D 205 -18.10 -14.60 13.31
CA ALA D 205 -19.38 -15.27 13.62
C ALA D 205 -19.44 -16.66 12.97
N SER D 206 -18.89 -16.85 11.76
CA SER D 206 -18.87 -18.16 11.05
C SER D 206 -17.53 -18.88 11.28
N SER D 207 -16.60 -18.27 12.02
CA SER D 207 -15.23 -18.78 12.24
C SER D 207 -14.54 -19.03 10.88
N THR D 208 -14.66 -18.07 9.97
CA THR D 208 -14.19 -18.08 8.55
C THR D 208 -12.89 -17.28 8.43
N LYS D 209 -11.91 -17.82 7.71
CA LYS D 209 -10.76 -17.08 7.14
C LYS D 209 -10.57 -17.48 5.66
N VAL D 210 -10.51 -16.50 4.77
CA VAL D 210 -10.16 -16.70 3.34
C VAL D 210 -8.99 -15.76 3.01
N ASP D 211 -7.96 -16.29 2.35
CA ASP D 211 -6.83 -15.53 1.77
C ASP D 211 -6.94 -15.65 0.25
N LYS D 212 -7.34 -14.56 -0.42
CA LYS D 212 -7.52 -14.53 -1.89
C LYS D 212 -6.37 -13.76 -2.53
N LYS D 213 -5.45 -14.50 -3.15
CA LYS D 213 -4.35 -13.93 -3.98
C LYS D 213 -5.01 -13.30 -5.22
N ILE D 214 -4.62 -12.08 -5.58
CA ILE D 214 -5.14 -11.38 -6.79
C ILE D 214 -4.23 -11.76 -7.96
N VAL D 215 -4.78 -12.42 -8.99
CA VAL D 215 -4.03 -12.95 -10.17
C VAL D 215 -4.41 -12.11 -11.40
N PRO D 216 -3.43 -11.65 -12.21
CA PRO D 216 -3.74 -10.77 -13.33
C PRO D 216 -4.78 -11.33 -14.32
N VAL E 2 -38.71 15.89 25.38
CA VAL E 2 -37.98 17.11 24.89
C VAL E 2 -37.23 16.77 23.60
N VAL E 3 -37.45 17.53 22.52
CA VAL E 3 -36.73 17.36 21.23
C VAL E 3 -35.53 18.32 21.21
N MET E 4 -34.35 17.78 20.88
CA MET E 4 -33.08 18.54 20.75
C MET E 4 -32.72 18.65 19.26
N THR E 5 -32.57 19.87 18.77
CA THR E 5 -32.30 20.18 17.34
C THR E 5 -30.89 20.78 17.25
N GLN E 6 -29.95 20.10 16.60
CA GLN E 6 -28.57 20.63 16.38
C GLN E 6 -28.46 21.13 14.93
N THR E 7 -27.94 22.34 14.75
CA THR E 7 -27.55 22.88 13.42
C THR E 7 -26.03 22.99 13.40
N PRO E 8 -25.44 23.30 12.23
CA PRO E 8 -25.27 22.32 11.16
C PRO E 8 -25.28 20.84 11.56
N LEU E 9 -25.67 20.00 10.62
CA LEU E 9 -25.61 18.51 10.76
C LEU E 9 -24.16 18.10 10.49
N THR E 10 -23.52 18.79 9.55
CA THR E 10 -22.06 18.73 9.25
C THR E 10 -21.47 20.14 9.23
N LEU E 11 -20.37 20.37 9.97
CA LEU E 11 -19.56 21.62 9.90
C LEU E 11 -18.19 21.26 9.32
N SER E 12 -17.80 21.94 8.25
CA SER E 12 -16.44 21.86 7.66
C SER E 12 -15.56 22.87 8.40
N VAL E 13 -14.41 22.41 8.94
CA VAL E 13 -13.52 23.22 9.80
C VAL E 13 -12.09 23.14 9.26
N THR E 14 -11.30 24.19 9.51
CA THR E 14 -9.85 24.24 9.21
C THR E 14 -9.11 24.15 10.54
N ILE E 15 -8.09 23.29 10.63
CA ILE E 15 -7.24 23.16 11.83
C ILE E 15 -6.62 24.55 12.08
N GLY E 16 -6.75 25.06 13.31
CA GLY E 16 -6.25 26.41 13.67
C GLY E 16 -7.35 27.46 13.73
N GLN E 17 -8.48 27.23 13.05
CA GLN E 17 -9.62 28.19 12.96
C GLN E 17 -10.73 27.78 13.93
N PRO E 18 -11.57 28.72 14.37
CA PRO E 18 -12.64 28.40 15.32
C PRO E 18 -13.76 27.55 14.69
N ALA E 19 -14.56 26.91 15.55
CA ALA E 19 -15.82 26.23 15.18
C ALA E 19 -16.92 26.66 16.15
N SER E 20 -18.15 26.77 15.66
CA SER E 20 -19.37 27.02 16.47
C SER E 20 -20.47 26.06 16.02
N ILE E 21 -21.16 25.44 16.96
CA ILE E 21 -22.32 24.54 16.69
C ILE E 21 -23.47 24.90 17.64
N SER E 22 -24.70 24.82 17.15
CA SER E 22 -25.93 25.26 17.84
C SER E 22 -26.73 24.04 18.30
N CYS E 23 -27.37 24.16 19.45
CA CYS E 23 -28.35 23.22 20.01
C CYS E 23 -29.58 24.01 20.47
N LYS E 24 -30.76 23.54 20.10
CA LYS E 24 -32.07 24.14 20.49
C LYS E 24 -32.95 23.03 21.05
N SER E 25 -33.73 23.35 22.09
CA SER E 25 -34.61 22.42 22.82
C SER E 25 -36.06 22.88 22.64
N SER E 26 -37.00 21.92 22.57
CA SER E 26 -38.45 22.14 22.29
C SER E 26 -39.14 22.86 23.46
N GLN E 27 -38.54 22.80 24.66
CA GLN E 27 -38.99 23.55 25.85
C GLN E 27 -37.76 23.98 26.66
N SER E 28 -37.90 24.97 27.54
CA SER E 28 -36.81 25.57 28.35
C SER E 28 -36.10 24.47 29.15
N LEU E 29 -34.78 24.53 29.27
CA LEU E 29 -33.95 23.57 30.06
C LEU E 29 -33.63 24.19 31.44
N LEU E 30 -34.20 25.36 31.75
CA LEU E 30 -34.06 25.99 33.10
C LEU E 30 -34.82 25.14 34.12
N TYR E 31 -34.14 24.64 35.17
CA TYR E 31 -34.75 23.80 36.23
C TYR E 31 -35.18 24.68 37.41
N SER E 32 -36.11 24.15 38.20
CA SER E 32 -36.70 24.76 39.42
C SER E 32 -35.62 25.36 40.33
N ASN E 33 -34.49 24.66 40.50
CA ASN E 33 -33.41 25.04 41.46
C ASN E 33 -32.40 26.01 40.80
N GLY E 34 -32.73 26.55 39.61
CA GLY E 34 -31.95 27.60 38.93
C GLY E 34 -30.90 27.02 38.00
N LYS E 35 -30.67 25.71 38.03
CA LYS E 35 -29.66 25.01 37.19
C LYS E 35 -30.27 24.70 35.82
N THR E 36 -29.43 24.68 34.78
CA THR E 36 -29.79 24.30 33.39
C THR E 36 -28.92 23.10 33.01
N PHE E 37 -29.53 21.93 32.83
CA PHE E 37 -28.81 20.63 32.69
C PHE E 37 -28.54 20.36 31.21
N LEU E 38 -27.81 21.24 30.53
CA LEU E 38 -27.39 20.98 29.13
C LEU E 38 -25.94 20.49 29.13
N ASN E 39 -25.75 19.36 28.44
CA ASN E 39 -24.44 18.67 28.33
C ASN E 39 -24.05 18.58 26.85
N TRP E 40 -22.73 18.53 26.61
CA TRP E 40 -22.14 18.25 25.28
C TRP E 40 -21.30 16.99 25.37
N LEU E 41 -21.66 15.97 24.59
CA LEU E 41 -20.82 14.77 24.40
C LEU E 41 -20.06 14.90 23.08
N PHE E 42 -18.91 14.23 23.01
CA PHE E 42 -18.07 14.09 21.81
C PHE E 42 -17.83 12.59 21.58
N GLN E 43 -17.99 12.14 20.33
CA GLN E 43 -17.71 10.72 19.95
C GLN E 43 -16.72 10.69 18.78
N ARG E 44 -15.55 10.08 18.98
CA ARG E 44 -14.60 9.69 17.89
C ARG E 44 -15.11 8.41 17.23
N PRO E 45 -14.95 8.24 15.91
CA PRO E 45 -15.34 6.99 15.25
C PRO E 45 -14.79 5.74 15.98
N GLY E 46 -15.66 4.74 16.18
CA GLY E 46 -15.34 3.47 16.85
C GLY E 46 -15.34 3.56 18.37
N GLN E 47 -15.44 4.77 18.95
CA GLN E 47 -15.26 5.05 20.40
C GLN E 47 -16.62 5.37 21.02
N SER E 48 -16.74 5.18 22.35
CA SER E 48 -17.93 5.55 23.15
C SER E 48 -18.04 7.07 23.23
N PRO E 49 -19.25 7.66 23.39
CA PRO E 49 -19.36 9.08 23.65
C PRO E 49 -18.59 9.41 24.94
N LYS E 50 -18.20 10.67 25.05
CA LYS E 50 -17.49 11.23 26.23
C LYS E 50 -18.03 12.65 26.45
N ARG E 51 -18.50 12.94 27.67
CA ARG E 51 -19.00 14.29 28.03
C ARG E 51 -17.82 15.25 28.08
N LEU E 52 -17.96 16.39 27.42
CA LEU E 52 -17.00 17.54 27.45
C LEU E 52 -17.51 18.62 28.41
N ILE E 53 -18.79 18.93 28.30
CA ILE E 53 -19.41 20.08 29.01
C ILE E 53 -20.69 19.60 29.74
N TYR E 54 -20.90 20.13 30.95
CA TYR E 54 -22.13 19.94 31.78
C TYR E 54 -22.57 21.31 32.34
N LEU E 55 -23.83 21.40 32.78
CA LEU E 55 -24.47 22.63 33.28
C LEU E 55 -24.15 23.81 32.35
N VAL E 56 -24.24 23.58 31.05
CA VAL E 56 -24.20 24.59 29.95
C VAL E 56 -22.75 24.93 29.59
N SER E 57 -21.90 25.24 30.58
CA SER E 57 -20.60 25.93 30.37
C SER E 57 -19.47 25.36 31.24
N LYS E 58 -19.71 24.30 32.03
CA LYS E 58 -18.68 23.76 32.96
C LYS E 58 -17.93 22.65 32.24
N LEU E 59 -16.59 22.75 32.17
CA LEU E 59 -15.73 21.74 31.49
C LEU E 59 -15.52 20.54 32.41
N ASP E 60 -15.65 19.32 31.87
CA ASP E 60 -15.25 18.07 32.55
C ASP E 60 -13.73 18.07 32.74
N SER E 61 -13.25 17.30 33.73
CA SER E 61 -11.82 17.08 34.06
C SER E 61 -11.02 16.74 32.79
N GLY E 62 -9.92 17.45 32.56
CA GLY E 62 -8.97 17.12 31.48
C GLY E 62 -9.47 17.53 30.10
N VAL E 63 -10.64 18.17 29.99
CA VAL E 63 -11.16 18.72 28.69
C VAL E 63 -10.36 19.97 28.35
N PRO E 64 -9.77 20.05 27.14
CA PRO E 64 -9.01 21.23 26.75
C PRO E 64 -9.80 22.53 26.90
N ASP E 65 -9.07 23.62 27.12
CA ASP E 65 -9.63 24.95 27.46
C ASP E 65 -10.20 25.63 26.20
N ARG E 66 -9.85 25.14 25.02
CA ARG E 66 -10.36 25.67 23.71
C ARG E 66 -11.87 25.41 23.57
N PHE E 67 -12.47 24.56 24.42
CA PHE E 67 -13.93 24.29 24.43
C PHE E 67 -14.63 25.27 25.38
N THR E 68 -15.70 25.93 24.90
CA THR E 68 -16.57 26.84 25.68
C THR E 68 -18.04 26.55 25.33
N GLY E 69 -18.87 26.37 26.35
CA GLY E 69 -20.34 26.22 26.22
C GLY E 69 -21.04 27.46 26.72
N SER E 70 -22.18 27.82 26.13
CA SER E 70 -23.00 29.00 26.50
C SER E 70 -24.46 28.78 26.08
N GLY E 71 -25.34 29.68 26.51
CA GLY E 71 -26.79 29.66 26.21
C GLY E 71 -27.64 29.61 27.48
N SER E 72 -28.96 29.60 27.30
CA SER E 72 -30.01 29.58 28.36
C SER E 72 -31.36 29.28 27.69
N GLY E 73 -32.34 28.82 28.47
CA GLY E 73 -33.69 28.55 27.99
C GLY E 73 -33.70 27.46 26.95
N THR E 74 -33.76 27.83 25.66
CA THR E 74 -33.95 26.86 24.54
C THR E 74 -32.83 26.92 23.50
N ALA E 75 -31.88 27.87 23.62
CA ALA E 75 -30.81 28.12 22.63
C ALA E 75 -29.43 28.01 23.29
N PHE E 76 -28.57 27.12 22.78
CA PHE E 76 -27.23 26.83 23.35
C PHE E 76 -26.21 26.68 22.23
N THR E 77 -24.95 26.97 22.56
CA THR E 77 -23.81 26.97 21.61
C THR E 77 -22.63 26.23 22.24
N LEU E 78 -21.95 25.41 21.44
CA LEU E 78 -20.58 24.88 21.73
C LEU E 78 -19.60 25.51 20.74
N LYS E 79 -18.51 26.09 21.27
CA LYS E 79 -17.48 26.78 20.47
C LYS E 79 -16.11 26.15 20.74
N ILE E 80 -15.31 26.00 19.69
CA ILE E 80 -13.87 25.63 19.76
C ILE E 80 -13.08 26.85 19.26
N SER E 81 -12.22 27.41 20.10
CA SER E 81 -11.42 28.63 19.81
C SER E 81 -10.53 28.37 18.59
N ARG E 82 -9.85 27.23 18.55
CA ARG E 82 -8.97 26.81 17.41
C ARG E 82 -9.03 25.29 17.31
N VAL E 83 -9.55 24.76 16.20
CA VAL E 83 -9.76 23.30 15.99
C VAL E 83 -8.40 22.61 15.87
N GLU E 84 -8.24 21.49 16.59
CA GLU E 84 -7.08 20.57 16.48
C GLU E 84 -7.59 19.23 15.93
N ALA E 85 -6.69 18.42 15.36
CA ALA E 85 -7.02 17.16 14.66
C ALA E 85 -7.87 16.23 15.55
N GLU E 86 -7.55 16.17 16.85
CA GLU E 86 -8.21 15.29 17.86
C GLU E 86 -9.69 15.68 18.06
N ASP E 87 -10.10 16.88 17.64
CA ASP E 87 -11.48 17.41 17.83
C ASP E 87 -12.42 16.90 16.73
N LEU E 88 -11.91 16.28 15.66
CA LEU E 88 -12.76 15.78 14.53
C LEU E 88 -13.55 14.55 15.00
N GLY E 89 -14.83 14.52 14.68
CA GLY E 89 -15.79 13.51 15.15
C GLY E 89 -17.18 14.11 15.27
N VAL E 90 -18.03 13.55 16.12
CA VAL E 90 -19.46 13.95 16.25
C VAL E 90 -19.71 14.52 17.66
N TYR E 91 -20.36 15.68 17.69
CA TYR E 91 -20.75 16.37 18.94
C TYR E 91 -22.26 16.22 19.08
N TYR E 92 -22.70 15.86 20.29
CA TYR E 92 -24.13 15.74 20.65
C TYR E 92 -24.42 16.64 21.84
N CYS E 93 -25.53 17.39 21.77
CA CYS E 93 -26.11 18.07 22.96
C CYS E 93 -27.07 17.09 23.65
N VAL E 94 -27.04 17.08 24.98
CA VAL E 94 -27.86 16.13 25.78
C VAL E 94 -28.51 16.91 26.91
N GLN E 95 -29.84 16.80 26.94
CA GLN E 95 -30.81 17.49 27.84
C GLN E 95 -31.08 16.57 29.03
N GLY E 96 -30.71 17.03 30.24
CA GLY E 96 -30.94 16.32 31.53
C GLY E 96 -31.88 17.08 32.45
N THR E 97 -32.61 18.08 31.95
CA THR E 97 -33.59 18.85 32.76
C THR E 97 -34.85 17.99 32.96
N HIS E 98 -35.51 17.61 31.87
CA HIS E 98 -36.82 16.90 31.83
C HIS E 98 -36.59 15.40 31.66
N PHE E 99 -37.22 14.57 32.50
CA PHE E 99 -37.22 13.09 32.32
C PHE E 99 -37.84 12.82 30.95
N PRO E 100 -37.66 11.62 30.37
CA PRO E 100 -36.37 11.15 29.85
C PRO E 100 -35.28 12.09 29.32
N LEU E 101 -34.05 11.77 29.74
CA LEU E 101 -32.77 12.18 29.10
C LEU E 101 -32.91 12.05 27.58
N THR E 102 -32.61 13.12 26.86
CA THR E 102 -32.85 13.20 25.40
C THR E 102 -31.62 13.84 24.72
N PHE E 103 -31.33 13.39 23.49
CA PHE E 103 -30.10 13.67 22.71
C PHE E 103 -30.44 14.36 21.38
N GLY E 104 -29.59 15.30 20.97
CA GLY E 104 -29.57 15.77 19.57
C GLY E 104 -29.10 14.67 18.64
N ALA E 105 -29.33 14.83 17.33
CA ALA E 105 -28.97 13.84 16.29
C ALA E 105 -27.48 13.96 15.99
N GLY E 106 -26.82 15.02 16.49
CA GLY E 106 -25.36 15.21 16.45
C GLY E 106 -24.93 16.15 15.34
N THR E 107 -23.72 16.72 15.48
CA THR E 107 -23.05 17.57 14.45
C THR E 107 -21.69 16.93 14.17
N LYS E 108 -21.43 16.54 12.92
CA LYS E 108 -20.12 15.97 12.51
C LYS E 108 -19.19 17.11 12.11
N LEU E 109 -18.07 17.27 12.81
CA LEU E 109 -16.97 18.18 12.41
C LEU E 109 -16.15 17.46 11.33
N GLU E 110 -16.12 17.98 10.10
CA GLU E 110 -15.35 17.38 8.97
C GLU E 110 -14.25 18.37 8.54
N LEU E 111 -13.15 17.85 8.01
CA LEU E 111 -11.98 18.66 7.59
C LEU E 111 -12.27 19.27 6.22
N LYS E 112 -12.17 20.59 6.11
CA LYS E 112 -12.16 21.31 4.79
C LYS E 112 -10.81 20.99 4.15
N ARG E 113 -10.73 20.70 2.87
CA ARG E 113 -9.42 20.50 2.20
C ARG E 113 -9.55 20.94 0.75
N ALA E 114 -8.47 20.84 -0.02
CA ALA E 114 -8.43 21.23 -1.45
C ALA E 114 -9.31 20.26 -2.25
N ASP E 115 -10.01 20.78 -3.26
CA ASP E 115 -10.77 19.95 -4.22
C ASP E 115 -9.82 18.90 -4.83
N ALA E 116 -10.31 17.66 -5.00
CA ALA E 116 -9.56 16.52 -5.57
C ALA E 116 -10.49 15.66 -6.44
N ALA E 117 -10.11 15.41 -7.69
CA ALA E 117 -10.82 14.50 -8.61
C ALA E 117 -10.66 13.09 -8.08
N PRO E 118 -11.66 12.20 -8.28
CA PRO E 118 -11.52 10.79 -7.88
C PRO E 118 -10.56 10.04 -8.79
N THR E 119 -9.80 9.08 -8.24
CA THR E 119 -9.12 8.03 -9.03
C THR E 119 -10.13 6.91 -9.25
N VAL E 120 -10.48 6.63 -10.50
CA VAL E 120 -11.56 5.68 -10.87
C VAL E 120 -10.89 4.41 -11.41
N SER E 121 -11.34 3.24 -10.95
CA SER E 121 -10.82 1.90 -11.36
C SER E 121 -12.02 0.99 -11.56
N ILE E 122 -12.08 0.25 -12.67
CA ILE E 122 -13.18 -0.72 -12.92
C ILE E 122 -12.56 -2.12 -12.95
N PHE E 123 -13.29 -3.11 -12.45
CA PHE E 123 -12.81 -4.51 -12.33
C PHE E 123 -13.87 -5.46 -12.88
N PRO E 124 -13.50 -6.36 -13.83
CA PRO E 124 -14.41 -7.40 -14.28
C PRO E 124 -14.69 -8.43 -13.18
N PRO E 125 -15.78 -9.22 -13.32
CA PRO E 125 -15.97 -10.41 -12.50
C PRO E 125 -14.72 -11.30 -12.49
N SER E 126 -14.30 -11.79 -11.32
CA SER E 126 -13.19 -12.77 -11.22
C SER E 126 -13.64 -14.11 -11.83
N SER E 127 -12.70 -14.88 -12.37
CA SER E 127 -12.95 -16.26 -12.89
C SER E 127 -13.53 -17.10 -11.75
N GLU E 128 -13.02 -16.91 -10.53
CA GLU E 128 -13.51 -17.63 -9.31
C GLU E 128 -15.00 -17.37 -9.11
N GLN E 129 -15.45 -16.11 -9.20
CA GLN E 129 -16.89 -15.77 -9.05
C GLN E 129 -17.69 -16.41 -10.18
N LEU E 130 -17.21 -16.30 -11.43
CA LEU E 130 -17.90 -16.82 -12.64
C LEU E 130 -18.06 -18.34 -12.52
N THR E 131 -16.97 -19.04 -12.17
CA THR E 131 -16.97 -20.47 -11.76
C THR E 131 -18.20 -20.68 -10.87
N SER E 132 -18.37 -19.84 -9.84
CA SER E 132 -19.42 -19.94 -8.79
C SER E 132 -20.81 -19.50 -9.30
N GLY E 133 -20.96 -19.08 -10.56
CA GLY E 133 -22.25 -18.79 -11.21
C GLY E 133 -22.69 -17.34 -11.04
N GLY E 134 -21.88 -16.52 -10.37
CA GLY E 134 -22.13 -15.09 -10.12
C GLY E 134 -21.22 -14.23 -10.96
N ALA E 135 -21.54 -12.93 -11.07
CA ALA E 135 -20.76 -11.90 -11.81
C ALA E 135 -21.00 -10.51 -11.21
N SER E 136 -20.08 -10.04 -10.37
CA SER E 136 -20.08 -8.67 -9.82
C SER E 136 -19.06 -7.82 -10.57
N VAL E 137 -19.47 -6.63 -11.01
CA VAL E 137 -18.59 -5.59 -11.63
C VAL E 137 -18.44 -4.43 -10.65
N VAL E 138 -17.20 -4.08 -10.32
CA VAL E 138 -16.90 -3.14 -9.21
C VAL E 138 -16.22 -1.90 -9.81
N CYS E 139 -16.67 -0.72 -9.37
CA CYS E 139 -16.02 0.59 -9.67
C CYS E 139 -15.64 1.28 -8.35
N PHE E 140 -14.35 1.58 -8.14
CA PHE E 140 -13.86 2.41 -7.02
C PHE E 140 -13.66 3.87 -7.51
N LEU E 141 -14.26 4.82 -6.79
CA LEU E 141 -14.07 6.28 -6.96
C LEU E 141 -13.31 6.77 -5.74
N ASN E 142 -11.98 6.88 -5.82
CA ASN E 142 -11.08 6.90 -4.63
C ASN E 142 -10.46 8.29 -4.41
N ASN E 143 -10.49 8.76 -3.17
CA ASN E 143 -9.64 9.89 -2.69
C ASN E 143 -10.06 11.17 -3.42
N PHE E 144 -11.36 11.49 -3.41
CA PHE E 144 -11.92 12.72 -4.01
C PHE E 144 -12.36 13.64 -2.90
N TYR E 145 -12.63 14.89 -3.25
CA TYR E 145 -13.20 15.88 -2.30
C TYR E 145 -13.69 17.15 -2.96
N PRO E 146 -15.02 17.40 -3.02
CA PRO E 146 -15.88 17.36 -1.83
C PRO E 146 -16.63 16.01 -1.94
N LYS E 147 -17.49 15.67 -0.98
CA LYS E 147 -18.11 14.32 -0.82
C LYS E 147 -19.06 13.98 -1.99
N ASP E 148 -19.78 14.97 -2.51
CA ASP E 148 -20.80 14.77 -3.58
C ASP E 148 -20.17 14.25 -4.86
N ILE E 149 -20.70 13.15 -5.40
CA ILE E 149 -20.24 12.53 -6.68
C ILE E 149 -21.40 11.75 -7.32
N ASN E 150 -21.37 11.62 -8.65
CA ASN E 150 -22.35 10.84 -9.46
C ASN E 150 -21.60 9.70 -10.13
N VAL E 151 -22.11 8.47 -9.97
CA VAL E 151 -21.61 7.30 -10.75
C VAL E 151 -22.74 6.83 -11.68
N LYS E 152 -22.42 6.55 -12.95
CA LYS E 152 -23.34 5.96 -13.97
C LYS E 152 -22.71 4.70 -14.55
N TRP E 153 -23.46 3.60 -14.57
CA TRP E 153 -23.04 2.36 -15.27
C TRP E 153 -23.59 2.38 -16.70
N LYS E 154 -22.77 1.94 -17.65
CA LYS E 154 -23.18 1.68 -19.05
C LYS E 154 -22.72 0.29 -19.46
N ILE E 155 -23.68 -0.51 -19.93
CA ILE E 155 -23.49 -1.84 -20.56
C ILE E 155 -23.78 -1.68 -22.06
N ASP E 156 -22.77 -1.88 -22.90
CA ASP E 156 -22.89 -1.72 -24.39
C ASP E 156 -23.42 -0.32 -24.74
N GLY E 157 -22.96 0.71 -24.02
CA GLY E 157 -23.25 2.13 -24.32
C GLY E 157 -24.56 2.61 -23.70
N SER E 158 -25.36 1.70 -23.14
CA SER E 158 -26.69 1.99 -22.56
C SER E 158 -26.63 1.97 -21.02
N GLU E 159 -27.33 2.92 -20.37
CA GLU E 159 -27.35 3.09 -18.88
C GLU E 159 -28.03 1.88 -18.22
N ARG E 160 -27.68 1.60 -16.97
CA ARG E 160 -28.13 0.41 -16.20
C ARG E 160 -28.32 0.81 -14.74
N LEU E 165 -25.30 -1.08 -6.20
CA LEU E 165 -25.23 -0.67 -4.77
C LEU E 165 -23.95 0.15 -4.54
N ASN E 166 -24.09 1.28 -3.86
CA ASN E 166 -23.01 2.29 -3.63
C ASN E 166 -22.73 2.40 -2.12
N SER E 167 -21.46 2.56 -1.75
CA SER E 167 -21.03 2.69 -0.34
C SER E 167 -19.94 3.76 -0.25
N TRP E 168 -20.07 4.69 0.68
CA TRP E 168 -19.10 5.79 0.93
C TRP E 168 -18.28 5.44 2.15
N THR E 169 -17.00 5.78 2.16
CA THR E 169 -16.17 5.76 3.39
C THR E 169 -16.47 7.02 4.18
N ASP E 170 -16.06 7.06 5.44
CA ASP E 170 -15.99 8.31 6.23
C ASP E 170 -14.78 9.09 5.74
N GLN E 171 -14.77 10.40 5.94
CA GLN E 171 -13.63 11.28 5.60
C GLN E 171 -12.37 10.60 6.13
N ASP E 172 -11.36 10.45 5.27
CA ASP E 172 -10.08 9.75 5.59
C ASP E 172 -9.37 10.53 6.70
N SER E 173 -8.87 9.84 7.72
CA SER E 173 -8.24 10.43 8.93
C SER E 173 -6.98 11.22 8.54
N LYS E 174 -6.20 10.74 7.57
CA LYS E 174 -4.91 11.33 7.16
C LYS E 174 -5.10 12.32 6.01
N ASP E 175 -6.01 12.00 5.09
CA ASP E 175 -6.15 12.60 3.75
C ASP E 175 -7.21 13.69 3.72
N SER E 176 -8.28 13.52 4.51
CA SER E 176 -9.53 14.32 4.49
C SER E 176 -10.31 14.11 3.19
N THR E 177 -9.95 13.08 2.40
CA THR E 177 -10.67 12.72 1.16
C THR E 177 -11.80 11.73 1.50
N TYR E 178 -12.70 11.53 0.53
CA TYR E 178 -13.76 10.50 0.56
C TYR E 178 -13.44 9.48 -0.52
N SER E 179 -13.96 8.27 -0.36
CA SER E 179 -13.93 7.22 -1.40
C SER E 179 -15.32 6.59 -1.47
N MET E 180 -15.67 6.10 -2.66
CA MET E 180 -16.98 5.46 -2.94
C MET E 180 -16.78 4.22 -3.79
N SER E 181 -17.48 3.13 -3.46
CA SER E 181 -17.56 1.90 -4.28
C SER E 181 -18.94 1.85 -4.92
N SER E 182 -19.00 1.47 -6.20
CA SER E 182 -20.24 1.13 -6.95
C SER E 182 -20.13 -0.31 -7.46
N THR E 183 -21.09 -1.17 -7.10
CA THR E 183 -21.05 -2.62 -7.43
C THR E 183 -22.29 -2.92 -8.27
N LEU E 184 -22.04 -3.37 -9.51
CA LEU E 184 -23.06 -3.96 -10.41
C LEU E 184 -23.00 -5.48 -10.30
N THR E 185 -24.04 -6.09 -9.72
CA THR E 185 -24.16 -7.58 -9.56
C THR E 185 -25.08 -8.07 -10.67
N LEU E 186 -24.56 -8.97 -11.51
CA LEU E 186 -25.31 -9.72 -12.56
C LEU E 186 -25.24 -11.21 -12.26
N THR E 187 -26.09 -12.00 -12.93
CA THR E 187 -25.89 -13.46 -13.11
C THR E 187 -24.78 -13.67 -14.15
N LYS E 188 -24.08 -14.80 -14.08
CA LYS E 188 -23.08 -15.24 -15.08
C LYS E 188 -23.72 -15.15 -16.48
N ASP E 189 -24.92 -15.71 -16.62
CA ASP E 189 -25.71 -15.74 -17.88
C ASP E 189 -25.88 -14.31 -18.40
N GLU E 190 -26.34 -13.37 -17.57
CA GLU E 190 -26.63 -11.97 -17.99
C GLU E 190 -25.33 -11.26 -18.40
N TYR E 191 -24.25 -11.46 -17.64
CA TYR E 191 -22.93 -10.81 -17.87
C TYR E 191 -22.37 -11.20 -19.24
N GLU E 192 -22.61 -12.45 -19.66
CA GLU E 192 -22.09 -13.02 -20.93
C GLU E 192 -22.93 -12.52 -22.12
N ARG E 193 -24.12 -11.95 -21.87
CA ARG E 193 -25.02 -11.41 -22.93
C ARG E 193 -24.51 -10.05 -23.45
N HIS E 194 -23.53 -9.44 -22.77
CA HIS E 194 -22.97 -8.11 -23.15
C HIS E 194 -21.44 -8.17 -23.05
N ASN E 195 -20.75 -7.27 -23.77
CA ASN E 195 -19.27 -7.31 -23.95
C ASN E 195 -18.58 -6.06 -23.39
N SER E 196 -19.24 -4.88 -23.42
CA SER E 196 -18.65 -3.58 -23.01
C SER E 196 -19.23 -3.13 -21.67
N TYR E 197 -18.37 -2.97 -20.66
CA TYR E 197 -18.75 -2.55 -19.29
C TYR E 197 -18.02 -1.25 -18.98
N THR E 198 -18.78 -0.24 -18.58
CA THR E 198 -18.31 1.15 -18.42
C THR E 198 -18.82 1.73 -17.12
N CYS E 199 -17.88 2.30 -16.35
CA CYS E 199 -18.13 3.12 -15.17
C CYS E 199 -17.78 4.57 -15.50
N GLU E 200 -18.68 5.51 -15.20
CA GLU E 200 -18.48 6.97 -15.45
C GLU E 200 -18.70 7.77 -14.18
N ALA E 201 -17.71 8.55 -13.74
CA ALA E 201 -17.79 9.42 -12.54
C ALA E 201 -17.92 10.89 -12.96
N THR E 202 -18.91 11.60 -12.44
CA THR E 202 -19.04 13.08 -12.56
C THR E 202 -18.81 13.73 -11.19
N HIS E 203 -17.86 14.66 -11.15
CA HIS E 203 -17.43 15.39 -9.93
C HIS E 203 -17.12 16.83 -10.32
N LYS E 204 -17.37 17.77 -9.42
CA LYS E 204 -17.26 19.24 -9.64
C LYS E 204 -15.87 19.61 -10.20
N THR E 205 -14.85 18.79 -9.96
CA THR E 205 -13.44 19.08 -10.36
C THR E 205 -13.31 19.10 -11.89
N SER E 206 -14.26 18.53 -12.61
CA SER E 206 -14.32 18.61 -14.10
C SER E 206 -15.77 18.55 -14.56
N THR E 207 -16.08 19.29 -15.62
CA THR E 207 -17.38 19.21 -16.34
C THR E 207 -17.39 17.89 -17.12
N SER E 208 -16.21 17.35 -17.45
CA SER E 208 -16.03 16.09 -18.22
C SER E 208 -16.05 14.90 -17.27
N PRO E 209 -16.93 13.90 -17.50
CA PRO E 209 -16.94 12.70 -16.68
C PRO E 209 -15.67 11.85 -16.88
N ILE E 210 -15.21 11.18 -15.81
CA ILE E 210 -14.11 10.17 -15.86
C ILE E 210 -14.72 8.85 -16.28
N VAL E 211 -14.31 8.31 -17.44
CA VAL E 211 -14.86 7.06 -18.04
C VAL E 211 -13.82 5.96 -17.92
N LYS E 212 -14.18 4.85 -17.26
CA LYS E 212 -13.34 3.62 -17.23
C LYS E 212 -14.17 2.48 -17.80
N SER E 213 -13.56 1.62 -18.62
CA SER E 213 -14.24 0.48 -19.29
C SER E 213 -13.30 -0.71 -19.44
N PHE E 214 -13.89 -1.90 -19.62
CA PHE E 214 -13.22 -3.13 -20.10
C PHE E 214 -14.13 -3.83 -21.12
N GLY F 4 -21.43 16.68 42.21
CA GLY F 4 -20.28 17.44 41.66
C GLY F 4 -20.61 18.02 40.29
N ALA F 5 -20.72 17.16 39.27
CA ALA F 5 -20.86 17.55 37.85
C ALA F 5 -22.00 16.77 37.21
N PRO F 6 -23.26 17.11 37.54
CA PRO F 6 -24.41 16.30 37.12
C PRO F 6 -24.81 16.47 35.65
N THR F 7 -25.21 15.35 35.03
CA THR F 7 -25.82 15.28 33.69
C THR F 7 -27.28 15.74 33.75
N TYR F 8 -28.01 15.30 34.79
CA TYR F 8 -29.49 15.44 34.86
C TYR F 8 -29.91 15.94 36.24
N SER F 9 -31.18 16.35 36.32
CA SER F 9 -31.79 17.08 37.46
C SER F 9 -32.34 16.12 38.52
N TRP F 10 -32.51 14.84 38.20
CA TRP F 10 -33.24 13.90 39.08
C TRP F 10 -32.27 13.13 39.99
N GLY F 11 -30.98 13.48 39.94
CA GLY F 11 -30.00 13.04 40.94
C GLY F 11 -30.38 13.54 42.34
#